data_2GDR
#
_entry.id   2GDR
#
_cell.length_a   103.440
_cell.length_b   103.440
_cell.length_c   262.280
_cell.angle_alpha   90.00
_cell.angle_beta   90.00
_cell.angle_gamma   120.00
#
_symmetry.space_group_name_H-M   'P 65'
#
loop_
_entity.id
_entity.type
_entity.pdbx_description
1 polymer 'glutathione S-transferase'
2 non-polymer GLUTATHIONE
3 water water
#
_entity_poly.entity_id   1
_entity_poly.type   'polypeptide(L)'
_entity_poly.pdbx_seq_one_letter_code
;MKLYYSPGACSLSPHIALREAGLNFELVQVDLASKKTASGQDYLEVNPAGYVPCLQLDDGRTLTEGPAIVQYVADQVPGK
QLAPANGSFERYHLQQWLNFISSELHKSFSPLFNPASSDEWKNAVRQSLNTRLGQVARQLEHAPYLLGDQLSVADIYLFV
VLGWSAYVNIDLSPWPSLQAFQGRVGGREAVQSALRAEGLIK
;
_entity_poly.pdbx_strand_id   A,B,C,D,E,F
#
loop_
_chem_comp.id
_chem_comp.type
_chem_comp.name
_chem_comp.formula
GSH non-polymer GLUTATHIONE 'C10 H17 N3 O6 S'
#
# COMPACT_ATOMS: atom_id res chain seq x y z
N MET A 1 -3.54 -8.42 -7.16
CA MET A 1 -3.91 -9.86 -7.17
C MET A 1 -2.87 -10.64 -8.00
N LYS A 2 -2.08 -11.48 -7.33
CA LYS A 2 -1.08 -12.27 -8.01
C LYS A 2 -1.51 -13.72 -8.13
N LEU A 3 -1.24 -14.32 -9.30
CA LEU A 3 -1.57 -15.71 -9.49
C LEU A 3 -0.28 -16.49 -9.63
N TYR A 4 0.02 -17.34 -8.66
CA TYR A 4 1.21 -18.17 -8.75
C TYR A 4 0.80 -19.27 -9.69
N TYR A 5 1.53 -19.37 -10.79
CA TYR A 5 1.17 -20.35 -11.80
C TYR A 5 2.36 -21.00 -12.48
N SER A 6 2.03 -22.02 -13.26
CA SER A 6 3.00 -22.74 -14.05
C SER A 6 2.33 -22.94 -15.42
N PRO A 7 3.04 -22.61 -16.51
CA PRO A 7 2.51 -22.75 -17.87
C PRO A 7 1.90 -24.12 -18.19
N GLY A 8 0.64 -24.14 -18.60
CA GLY A 8 -0.01 -25.39 -18.95
C GLY A 8 -0.63 -26.21 -17.82
N ALA A 9 -0.35 -25.84 -16.57
CA ALA A 9 -0.90 -26.59 -15.44
C ALA A 9 -2.35 -26.24 -15.20
N CYS A 10 -2.92 -26.77 -14.13
CA CYS A 10 -4.31 -26.51 -13.79
C CYS A 10 -4.51 -25.04 -13.47
N SER A 11 -3.42 -24.33 -13.19
CA SER A 11 -3.51 -22.91 -12.87
C SER A 11 -4.02 -22.07 -14.05
N LEU A 12 -4.08 -22.69 -15.23
CA LEU A 12 -4.57 -22.02 -16.44
C LEU A 12 -6.06 -21.74 -16.31
N SER A 13 -6.75 -22.52 -15.48
CA SER A 13 -8.18 -22.29 -15.28
C SER A 13 -8.42 -20.94 -14.59
N PRO A 14 -7.85 -20.74 -13.38
CA PRO A 14 -8.09 -19.43 -12.73
C PRO A 14 -7.53 -18.28 -13.57
N HIS A 15 -6.52 -18.57 -14.38
CA HIS A 15 -5.90 -17.58 -15.26
C HIS A 15 -6.93 -17.07 -16.27
N ILE A 16 -7.60 -18.01 -16.92
CA ILE A 16 -8.63 -17.71 -17.91
C ILE A 16 -9.78 -16.98 -17.21
N ALA A 17 -10.09 -17.42 -16.00
CA ALA A 17 -11.16 -16.81 -15.24
C ALA A 17 -10.84 -15.34 -14.97
N LEU A 18 -9.58 -15.06 -14.67
CA LEU A 18 -9.13 -13.70 -14.39
C LEU A 18 -9.30 -12.81 -15.61
N ARG A 19 -8.99 -13.36 -16.79
CA ARG A 19 -9.13 -12.63 -18.05
C ARG A 19 -10.62 -12.45 -18.39
N GLU A 20 -11.40 -13.50 -18.18
CA GLU A 20 -12.83 -13.46 -18.41
C GLU A 20 -13.51 -12.44 -17.48
N ALA A 21 -13.03 -12.34 -16.25
CA ALA A 21 -13.59 -11.42 -15.27
C ALA A 21 -13.06 -9.97 -15.43
N GLY A 22 -11.91 -9.84 -16.08
CA GLY A 22 -11.34 -8.53 -16.32
C GLY A 22 -10.87 -7.78 -15.08
N LEU A 23 -10.25 -8.52 -14.17
CA LEU A 23 -9.76 -7.94 -12.93
C LEU A 23 -8.30 -7.48 -13.10
N ASN A 24 -7.73 -6.95 -12.03
CA ASN A 24 -6.34 -6.51 -12.03
C ASN A 24 -5.54 -7.69 -11.49
N PHE A 25 -4.60 -8.18 -12.27
CA PHE A 25 -3.82 -9.31 -11.79
C PHE A 25 -2.42 -9.30 -12.34
N GLU A 26 -1.58 -10.13 -11.73
CA GLU A 26 -0.20 -10.29 -12.17
C GLU A 26 0.16 -11.76 -12.06
N LEU A 27 0.63 -12.33 -13.18
CA LEU A 27 1.02 -13.73 -13.22
C LEU A 27 2.42 -13.91 -12.63
N VAL A 28 2.52 -14.76 -11.61
CA VAL A 28 3.80 -15.03 -10.97
C VAL A 28 4.15 -16.50 -11.17
N GLN A 29 5.11 -16.75 -12.04
CA GLN A 29 5.56 -18.09 -12.36
C GLN A 29 6.30 -18.76 -11.20
N VAL A 30 5.89 -19.97 -10.86
CA VAL A 30 6.54 -20.70 -9.79
C VAL A 30 7.31 -21.83 -10.44
N ASP A 31 8.52 -22.10 -9.95
CA ASP A 31 9.32 -23.16 -10.51
C ASP A 31 8.94 -24.43 -9.75
N LEU A 32 8.08 -25.25 -10.34
CA LEU A 32 7.65 -26.47 -9.68
C LEU A 32 8.85 -27.37 -9.44
N ALA A 33 9.89 -27.17 -10.24
CA ALA A 33 11.10 -27.95 -10.09
C ALA A 33 11.84 -27.53 -8.81
N SER A 34 12.11 -26.23 -8.66
CA SER A 34 12.82 -25.72 -7.50
C SER A 34 11.91 -25.16 -6.38
N LYS A 35 10.63 -24.98 -6.67
CA LYS A 35 9.68 -24.45 -5.71
C LYS A 35 10.01 -23.03 -5.26
N LYS A 36 10.41 -22.19 -6.22
CA LYS A 36 10.72 -20.81 -5.95
C LYS A 36 9.86 -19.98 -6.88
N THR A 37 9.35 -18.87 -6.37
CA THR A 37 8.52 -17.98 -7.17
C THR A 37 9.47 -17.19 -8.07
N ALA A 38 8.90 -16.36 -8.94
CA ALA A 38 9.71 -15.55 -9.84
C ALA A 38 10.79 -14.81 -9.05
N SER A 39 10.40 -14.32 -7.87
CA SER A 39 11.31 -13.57 -6.99
C SER A 39 12.32 -14.49 -6.33
N GLY A 40 12.23 -15.77 -6.67
CA GLY A 40 13.15 -16.74 -6.10
C GLY A 40 12.87 -16.99 -4.64
N GLN A 41 11.70 -16.57 -4.17
CA GLN A 41 11.36 -16.80 -2.77
C GLN A 41 10.76 -18.21 -2.64
N ASP A 42 10.88 -18.80 -1.47
CA ASP A 42 10.37 -20.16 -1.27
C ASP A 42 8.84 -20.18 -1.35
N TYR A 43 8.32 -20.74 -2.43
CA TYR A 43 6.88 -20.82 -2.64
C TYR A 43 6.16 -21.54 -1.50
N LEU A 44 6.81 -22.51 -0.88
CA LEU A 44 6.22 -23.26 0.23
C LEU A 44 5.81 -22.35 1.37
N GLU A 45 6.34 -21.13 1.37
CA GLU A 45 6.01 -20.14 2.39
C GLU A 45 4.61 -19.61 2.05
N VAL A 46 4.30 -19.66 0.75
CA VAL A 46 3.00 -19.22 0.22
C VAL A 46 2.05 -20.43 0.30
N ASN A 47 2.37 -21.52 -0.39
CA ASN A 47 1.55 -22.72 -0.32
C ASN A 47 2.43 -23.87 0.13
N PRO A 48 2.36 -24.24 1.42
CA PRO A 48 3.16 -25.35 1.97
C PRO A 48 2.93 -26.69 1.28
N ALA A 49 1.80 -26.83 0.58
CA ALA A 49 1.50 -28.06 -0.15
C ALA A 49 2.39 -28.10 -1.39
N GLY A 50 3.01 -26.95 -1.70
CA GLY A 50 3.91 -26.84 -2.83
C GLY A 50 3.36 -26.71 -4.24
N TYR A 51 2.04 -26.78 -4.40
CA TYR A 51 1.48 -26.69 -5.74
C TYR A 51 0.76 -25.38 -6.06
N VAL A 52 0.40 -25.25 -7.33
CA VAL A 52 -0.33 -24.09 -7.82
C VAL A 52 -1.69 -24.64 -8.31
N PRO A 53 -2.67 -23.77 -8.56
CA PRO A 53 -2.56 -22.32 -8.41
C PRO A 53 -2.68 -21.81 -6.97
N CYS A 54 -2.37 -20.53 -6.83
CA CYS A 54 -2.47 -19.82 -5.57
C CYS A 54 -2.72 -18.34 -5.89
N LEU A 55 -3.82 -17.81 -5.38
CA LEU A 55 -4.16 -16.42 -5.59
C LEU A 55 -3.71 -15.65 -4.35
N GLN A 56 -3.07 -14.51 -4.57
CA GLN A 56 -2.58 -13.70 -3.47
C GLN A 56 -3.12 -12.29 -3.65
N LEU A 57 -4.05 -11.91 -2.79
CA LEU A 57 -4.64 -10.59 -2.84
C LEU A 57 -3.57 -9.58 -2.49
N ASP A 58 -3.75 -8.34 -2.91
CA ASP A 58 -2.77 -7.32 -2.61
C ASP A 58 -2.62 -7.10 -1.11
N ASP A 59 -3.65 -7.46 -0.35
CA ASP A 59 -3.58 -7.27 1.09
C ASP A 59 -2.80 -8.39 1.77
N GLY A 60 -2.45 -9.40 0.97
CA GLY A 60 -1.67 -10.50 1.50
C GLY A 60 -2.39 -11.83 1.67
N ARG A 61 -3.72 -11.82 1.78
CA ARG A 61 -4.43 -13.08 1.95
C ARG A 61 -4.25 -13.94 0.72
N THR A 62 -4.12 -15.25 0.95
CA THR A 62 -3.95 -16.21 -0.14
C THR A 62 -5.11 -17.19 -0.18
N LEU A 63 -5.31 -17.80 -1.34
CA LEU A 63 -6.38 -18.76 -1.50
C LEU A 63 -5.82 -19.82 -2.43
N THR A 64 -6.01 -21.10 -2.09
CA THR A 64 -5.54 -22.19 -2.93
C THR A 64 -6.72 -23.09 -3.35
N GLU A 65 -6.43 -24.08 -4.20
CA GLU A 65 -7.42 -25.02 -4.72
C GLU A 65 -8.16 -24.30 -5.84
N GLY A 66 -7.95 -24.76 -7.06
CA GLY A 66 -8.58 -24.12 -8.21
C GLY A 66 -10.06 -23.79 -8.06
N PRO A 67 -10.88 -24.75 -7.62
CA PRO A 67 -12.32 -24.52 -7.44
C PRO A 67 -12.69 -23.35 -6.50
N ALA A 68 -11.86 -23.12 -5.48
CA ALA A 68 -12.10 -22.02 -4.55
C ALA A 68 -11.71 -20.68 -5.18
N ILE A 69 -10.57 -20.67 -5.88
CA ILE A 69 -10.07 -19.47 -6.52
C ILE A 69 -10.96 -18.92 -7.64
N VAL A 70 -11.45 -19.81 -8.49
CA VAL A 70 -12.30 -19.39 -9.61
C VAL A 70 -13.68 -18.90 -9.17
N GLN A 71 -14.12 -19.32 -7.98
CA GLN A 71 -15.40 -18.85 -7.46
C GLN A 71 -15.18 -17.48 -6.84
N TYR A 72 -14.01 -17.26 -6.25
CA TYR A 72 -13.70 -15.95 -5.69
C TYR A 72 -13.60 -14.97 -6.86
N VAL A 73 -12.88 -15.34 -7.90
CA VAL A 73 -12.73 -14.48 -9.07
C VAL A 73 -14.08 -14.14 -9.67
N ALA A 74 -14.94 -15.16 -9.78
CA ALA A 74 -16.28 -14.98 -10.35
C ALA A 74 -17.13 -13.99 -9.53
N ASP A 75 -17.08 -14.14 -8.20
CA ASP A 75 -17.85 -13.29 -7.31
C ASP A 75 -17.41 -11.83 -7.31
N GLN A 76 -16.35 -11.51 -8.05
CA GLN A 76 -15.88 -10.13 -8.12
C GLN A 76 -16.62 -9.39 -9.22
N VAL A 77 -17.05 -10.12 -10.24
CA VAL A 77 -17.78 -9.51 -11.33
C VAL A 77 -19.10 -10.27 -11.55
N PRO A 78 -20.06 -10.09 -10.63
CA PRO A 78 -21.36 -10.77 -10.75
C PRO A 78 -22.03 -10.50 -12.10
N GLY A 79 -21.83 -9.31 -12.63
CA GLY A 79 -22.42 -8.94 -13.91
C GLY A 79 -22.17 -10.02 -14.96
N LYS A 80 -20.92 -10.44 -15.08
CA LYS A 80 -20.53 -11.50 -16.00
C LYS A 80 -20.83 -12.78 -15.25
N GLN A 81 -21.97 -13.39 -15.52
CA GLN A 81 -22.38 -14.60 -14.84
C GLN A 81 -21.49 -15.82 -15.03
N LEU A 82 -20.33 -15.80 -14.36
CA LEU A 82 -19.36 -16.88 -14.43
C LEU A 82 -19.56 -17.86 -13.29
N ALA A 83 -20.66 -17.66 -12.57
CA ALA A 83 -21.03 -18.50 -11.44
C ALA A 83 -22.41 -18.06 -11.02
N PRO A 84 -23.37 -19.01 -10.90
CA PRO A 84 -24.71 -18.59 -10.49
C PRO A 84 -24.63 -17.87 -9.15
N ALA A 85 -25.62 -17.03 -8.88
CA ALA A 85 -25.66 -16.26 -7.63
C ALA A 85 -25.52 -17.18 -6.41
N ASN A 86 -24.79 -16.74 -5.39
CA ASN A 86 -24.63 -17.56 -4.20
C ASN A 86 -26.00 -17.78 -3.57
N GLY A 87 -26.20 -18.96 -2.99
CA GLY A 87 -27.46 -19.26 -2.35
C GLY A 87 -28.48 -19.83 -3.32
N SER A 88 -28.24 -19.65 -4.62
CA SER A 88 -29.13 -20.16 -5.65
C SER A 88 -28.77 -21.62 -5.89
N PHE A 89 -29.76 -22.42 -6.27
CA PHE A 89 -29.51 -23.84 -6.50
C PHE A 89 -28.38 -24.09 -7.48
N GLU A 90 -28.35 -23.32 -8.56
CA GLU A 90 -27.32 -23.47 -9.60
C GLU A 90 -25.90 -23.19 -9.10
N ARG A 91 -25.77 -22.51 -7.96
CA ARG A 91 -24.44 -22.24 -7.43
C ARG A 91 -23.88 -23.55 -6.84
N TYR A 92 -24.73 -24.27 -6.11
CA TYR A 92 -24.32 -25.54 -5.52
C TYR A 92 -24.07 -26.51 -6.67
N HIS A 93 -24.82 -26.33 -7.76
CA HIS A 93 -24.68 -27.18 -8.94
C HIS A 93 -23.32 -26.92 -9.59
N LEU A 94 -22.89 -25.66 -9.57
CA LEU A 94 -21.59 -25.28 -10.12
C LEU A 94 -20.52 -25.92 -9.24
N GLN A 95 -20.71 -25.83 -7.93
CA GLN A 95 -19.77 -26.39 -6.97
C GLN A 95 -19.71 -27.91 -7.12
N GLN A 96 -20.82 -28.50 -7.55
CA GLN A 96 -20.89 -29.92 -7.76
C GLN A 96 -19.96 -30.25 -8.93
N TRP A 97 -20.10 -29.51 -10.03
CA TRP A 97 -19.25 -29.75 -11.19
C TRP A 97 -17.79 -29.44 -10.93
N LEU A 98 -17.52 -28.32 -10.26
CA LEU A 98 -16.14 -27.97 -9.96
C LEU A 98 -15.45 -29.09 -9.19
N ASN A 99 -16.13 -29.68 -8.20
CA ASN A 99 -15.52 -30.77 -7.43
C ASN A 99 -15.33 -31.99 -8.30
N PHE A 100 -16.32 -32.27 -9.14
CA PHE A 100 -16.27 -33.41 -10.03
C PHE A 100 -15.00 -33.31 -10.90
N ILE A 101 -14.81 -32.16 -11.53
CA ILE A 101 -13.65 -31.97 -12.38
C ILE A 101 -12.36 -32.15 -11.58
N SER A 102 -12.34 -31.64 -10.37
CA SER A 102 -11.17 -31.74 -9.50
C SER A 102 -10.88 -33.17 -9.04
N SER A 103 -11.88 -33.80 -8.43
CA SER A 103 -11.71 -35.16 -7.91
C SER A 103 -11.79 -36.27 -8.95
N GLU A 104 -12.81 -36.23 -9.81
CA GLU A 104 -13.04 -37.27 -10.81
C GLU A 104 -12.35 -37.12 -12.19
N LEU A 105 -11.76 -35.96 -12.48
CA LEU A 105 -11.08 -35.77 -13.76
C LEU A 105 -9.64 -35.33 -13.60
N HIS A 106 -9.42 -34.20 -12.97
CA HIS A 106 -8.08 -33.65 -12.77
C HIS A 106 -7.10 -34.66 -12.14
N LYS A 107 -7.49 -35.21 -10.99
CA LYS A 107 -6.63 -36.16 -10.29
C LYS A 107 -6.41 -37.48 -11.01
N SER A 108 -7.22 -37.75 -12.04
CA SER A 108 -7.06 -38.98 -12.82
C SER A 108 -6.00 -38.82 -13.92
N PHE A 109 -5.55 -37.60 -14.14
CA PHE A 109 -4.54 -37.32 -15.14
C PHE A 109 -3.18 -37.31 -14.46
N SER A 110 -3.16 -36.82 -13.23
CA SER A 110 -1.93 -36.72 -12.43
C SER A 110 -1.04 -37.97 -12.50
N PRO A 111 -1.62 -39.17 -12.35
CA PRO A 111 -0.79 -40.38 -12.41
C PRO A 111 -0.17 -40.54 -13.80
N LEU A 112 -0.91 -40.16 -14.84
CA LEU A 112 -0.42 -40.25 -16.21
C LEU A 112 0.81 -39.36 -16.38
N PHE A 113 0.71 -38.11 -15.93
CA PHE A 113 1.82 -37.18 -16.06
C PHE A 113 3.08 -37.58 -15.29
N ASN A 114 2.92 -38.39 -14.25
CA ASN A 114 4.06 -38.82 -13.47
C ASN A 114 4.71 -40.08 -14.05
N PRO A 115 6.02 -40.01 -14.32
CA PRO A 115 6.76 -41.14 -14.89
C PRO A 115 6.81 -42.31 -13.89
N ALA A 116 7.04 -41.97 -12.62
CA ALA A 116 7.12 -42.97 -11.57
C ALA A 116 5.87 -43.86 -11.51
N SER A 117 4.79 -43.38 -12.12
CA SER A 117 3.54 -44.14 -12.14
C SER A 117 3.66 -45.45 -12.89
N SER A 118 3.23 -46.53 -12.23
CA SER A 118 3.27 -47.85 -12.83
C SER A 118 2.16 -47.97 -13.88
N ASP A 119 2.40 -48.76 -14.92
CA ASP A 119 1.39 -48.95 -15.96
C ASP A 119 0.14 -49.54 -15.33
N GLU A 120 0.36 -50.36 -14.29
CA GLU A 120 -0.71 -51.01 -13.54
C GLU A 120 -1.30 -50.01 -12.56
N TRP A 121 -1.30 -48.76 -12.99
CA TRP A 121 -1.81 -47.65 -12.20
C TRP A 121 -2.27 -46.62 -13.22
N LYS A 122 -1.42 -46.39 -14.23
CA LYS A 122 -1.73 -45.45 -15.30
C LYS A 122 -2.88 -45.99 -16.14
N ASN A 123 -3.09 -47.29 -16.08
CA ASN A 123 -4.15 -47.93 -16.84
C ASN A 123 -5.43 -47.97 -16.01
N ALA A 124 -5.27 -48.17 -14.72
CA ALA A 124 -6.40 -48.24 -13.80
C ALA A 124 -7.14 -46.91 -13.74
N VAL A 125 -6.45 -45.85 -14.17
CA VAL A 125 -7.01 -44.50 -14.17
C VAL A 125 -7.54 -44.11 -15.55
N ARG A 126 -6.88 -44.60 -16.61
CA ARG A 126 -7.32 -44.32 -17.97
C ARG A 126 -8.72 -44.89 -18.16
N GLN A 127 -8.94 -46.08 -17.61
CA GLN A 127 -10.22 -46.76 -17.68
C GLN A 127 -11.27 -45.84 -17.04
N SER A 128 -10.96 -45.36 -15.85
CA SER A 128 -11.82 -44.47 -15.08
C SER A 128 -12.09 -43.20 -15.90
N LEU A 129 -11.01 -42.58 -16.35
CA LEU A 129 -11.11 -41.37 -17.15
C LEU A 129 -12.01 -41.60 -18.35
N ASN A 130 -12.02 -42.82 -18.85
CA ASN A 130 -12.87 -43.15 -19.99
C ASN A 130 -14.33 -43.05 -19.57
N THR A 131 -14.61 -43.65 -18.42
CA THR A 131 -15.96 -43.67 -17.85
C THR A 131 -16.46 -42.28 -17.50
N ARG A 132 -15.63 -41.51 -16.80
CA ARG A 132 -15.94 -40.14 -16.38
C ARG A 132 -16.12 -39.19 -17.57
N LEU A 133 -15.19 -39.26 -18.52
CA LEU A 133 -15.22 -38.44 -19.73
C LEU A 133 -16.47 -38.71 -20.55
N GLY A 134 -16.91 -39.95 -20.56
CA GLY A 134 -18.12 -40.29 -21.29
C GLY A 134 -19.30 -39.62 -20.63
N GLN A 135 -19.28 -39.53 -19.31
CA GLN A 135 -20.38 -38.91 -18.57
C GLN A 135 -20.44 -37.42 -18.89
N VAL A 136 -19.25 -36.80 -18.95
CA VAL A 136 -19.15 -35.38 -19.26
C VAL A 136 -19.59 -35.18 -20.71
N ALA A 137 -19.11 -36.04 -21.60
CA ALA A 137 -19.46 -35.96 -23.01
C ALA A 137 -20.98 -35.96 -23.21
N ARG A 138 -21.69 -36.81 -22.48
CA ARG A 138 -23.15 -36.87 -22.61
C ARG A 138 -23.82 -35.62 -22.05
N GLN A 139 -23.20 -35.03 -21.05
CA GLN A 139 -23.72 -33.82 -20.42
C GLN A 139 -23.59 -32.69 -21.43
N LEU A 140 -22.58 -32.79 -22.30
CA LEU A 140 -22.33 -31.75 -23.30
C LEU A 140 -23.06 -31.94 -24.63
N GLU A 141 -23.83 -33.02 -24.75
CA GLU A 141 -24.60 -33.27 -25.97
C GLU A 141 -25.88 -32.47 -25.78
N HIS A 142 -26.45 -32.57 -24.58
CA HIS A 142 -27.68 -31.88 -24.23
C HIS A 142 -27.56 -30.41 -24.63
N ALA A 143 -26.88 -29.65 -23.78
CA ALA A 143 -26.66 -28.23 -23.97
C ALA A 143 -25.18 -27.95 -24.28
N PRO A 144 -24.85 -26.68 -24.58
CA PRO A 144 -23.46 -26.29 -24.88
C PRO A 144 -22.53 -26.27 -23.67
N TYR A 145 -23.06 -25.87 -22.52
CA TYR A 145 -22.28 -25.79 -21.29
C TYR A 145 -22.76 -26.72 -20.18
N LEU A 146 -21.96 -26.83 -19.14
CA LEU A 146 -22.27 -27.69 -18.00
C LEU A 146 -23.57 -27.35 -17.29
N LEU A 147 -23.78 -26.06 -17.06
CA LEU A 147 -24.99 -25.62 -16.37
C LEU A 147 -26.09 -25.18 -17.32
N GLY A 148 -25.91 -25.44 -18.60
CA GLY A 148 -26.91 -25.05 -19.58
C GLY A 148 -26.32 -24.22 -20.69
N ASP A 149 -26.93 -23.08 -20.98
CA ASP A 149 -26.45 -22.21 -22.04
C ASP A 149 -25.53 -21.12 -21.50
N GLN A 150 -25.49 -20.99 -20.17
CA GLN A 150 -24.65 -19.98 -19.54
C GLN A 150 -23.29 -20.57 -19.13
N LEU A 151 -22.22 -19.99 -19.65
CA LEU A 151 -20.88 -20.45 -19.34
C LEU A 151 -20.51 -20.07 -17.90
N SER A 152 -19.78 -20.97 -17.23
CA SER A 152 -19.34 -20.75 -15.85
C SER A 152 -17.89 -21.17 -15.69
N VAL A 153 -17.30 -20.89 -14.53
CA VAL A 153 -15.92 -21.25 -14.26
C VAL A 153 -15.70 -22.75 -14.30
N ALA A 154 -16.78 -23.52 -14.19
CA ALA A 154 -16.66 -24.98 -14.24
C ALA A 154 -16.21 -25.35 -15.65
N ASP A 155 -16.85 -24.74 -16.64
CA ASP A 155 -16.56 -24.96 -18.07
C ASP A 155 -15.12 -24.61 -18.37
N ILE A 156 -14.65 -23.54 -17.76
CA ILE A 156 -13.28 -23.11 -17.98
C ILE A 156 -12.36 -24.15 -17.37
N TYR A 157 -12.70 -24.61 -16.17
CA TYR A 157 -11.89 -25.63 -15.50
C TYR A 157 -11.86 -26.88 -16.37
N LEU A 158 -13.04 -27.36 -16.77
CA LEU A 158 -13.14 -28.56 -17.61
C LEU A 158 -12.35 -28.37 -18.89
N PHE A 159 -12.55 -27.24 -19.54
CA PHE A 159 -11.84 -26.94 -20.78
C PHE A 159 -10.34 -27.20 -20.60
N VAL A 160 -9.79 -26.72 -19.49
CA VAL A 160 -8.37 -26.88 -19.21
C VAL A 160 -7.97 -28.35 -19.06
N VAL A 161 -8.70 -29.11 -18.26
CA VAL A 161 -8.38 -30.53 -18.05
C VAL A 161 -8.43 -31.29 -19.39
N LEU A 162 -9.41 -30.93 -20.24
CA LEU A 162 -9.55 -31.58 -21.54
C LEU A 162 -8.33 -31.30 -22.42
N GLY A 163 -7.57 -30.27 -22.07
CA GLY A 163 -6.40 -29.93 -22.84
C GLY A 163 -5.23 -30.86 -22.62
N TRP A 164 -5.15 -31.47 -21.44
CA TRP A 164 -4.05 -32.38 -21.11
C TRP A 164 -4.21 -33.71 -21.82
N SER A 165 -5.44 -34.03 -22.21
CA SER A 165 -5.75 -35.29 -22.87
C SER A 165 -4.73 -35.64 -23.97
N ALA A 166 -4.51 -34.71 -24.89
CA ALA A 166 -3.57 -34.92 -25.97
C ALA A 166 -2.16 -35.29 -25.48
N TYR A 167 -1.70 -34.61 -24.43
CA TYR A 167 -0.38 -34.83 -23.86
C TYR A 167 -0.21 -36.24 -23.29
N VAL A 168 -1.32 -36.83 -22.85
CA VAL A 168 -1.29 -38.17 -22.28
C VAL A 168 -1.89 -39.23 -23.20
N ASN A 169 -2.01 -38.89 -24.48
CA ASN A 169 -2.54 -39.81 -25.48
C ASN A 169 -4.00 -40.20 -25.30
N ILE A 170 -4.81 -39.32 -24.72
CA ILE A 170 -6.22 -39.63 -24.54
C ILE A 170 -6.97 -39.06 -25.73
N ASP A 171 -7.68 -39.94 -26.43
CA ASP A 171 -8.44 -39.55 -27.60
C ASP A 171 -9.80 -39.02 -27.17
N LEU A 172 -10.21 -37.90 -27.76
CA LEU A 172 -11.50 -37.31 -27.44
C LEU A 172 -12.45 -37.44 -28.63
N SER A 173 -11.96 -38.01 -29.71
CA SER A 173 -12.77 -38.24 -30.91
C SER A 173 -13.98 -39.12 -30.58
N PRO A 174 -13.80 -40.09 -29.66
CA PRO A 174 -14.93 -40.96 -29.30
C PRO A 174 -16.16 -40.14 -28.91
N TRP A 175 -15.90 -38.95 -28.36
CA TRP A 175 -16.95 -38.05 -27.91
C TRP A 175 -16.94 -36.74 -28.69
N PRO A 176 -17.70 -36.66 -29.80
CA PRO A 176 -17.72 -35.42 -30.57
C PRO A 176 -18.15 -34.19 -29.74
N SER A 177 -19.05 -34.39 -28.77
CA SER A 177 -19.53 -33.30 -27.94
C SER A 177 -18.41 -32.66 -27.12
N LEU A 178 -17.39 -33.44 -26.76
CA LEU A 178 -16.28 -32.89 -26.01
C LEU A 178 -15.48 -31.95 -26.91
N GLN A 179 -15.26 -32.38 -28.16
CA GLN A 179 -14.54 -31.58 -29.14
C GLN A 179 -15.30 -30.28 -29.47
N ALA A 180 -16.62 -30.39 -29.63
CA ALA A 180 -17.44 -29.22 -29.92
C ALA A 180 -17.33 -28.22 -28.76
N PHE A 181 -17.22 -28.76 -27.55
CA PHE A 181 -17.07 -27.96 -26.34
C PHE A 181 -15.72 -27.24 -26.34
N GLN A 182 -14.65 -28.00 -26.61
CA GLN A 182 -13.31 -27.44 -26.66
C GLN A 182 -13.19 -26.29 -27.66
N GLY A 183 -13.78 -26.47 -28.84
CA GLY A 183 -13.73 -25.43 -29.84
C GLY A 183 -14.56 -24.25 -29.42
N ARG A 184 -15.58 -24.52 -28.62
CA ARG A 184 -16.49 -23.49 -28.12
C ARG A 184 -15.89 -22.64 -27.01
N VAL A 185 -15.15 -23.26 -26.10
CA VAL A 185 -14.53 -22.53 -25.01
C VAL A 185 -13.22 -21.92 -25.50
N GLY A 186 -12.44 -22.70 -26.26
CA GLY A 186 -11.19 -22.18 -26.78
C GLY A 186 -11.42 -21.01 -27.72
N GLY A 187 -12.66 -20.86 -28.18
CA GLY A 187 -12.96 -19.78 -29.10
C GLY A 187 -13.08 -18.42 -28.44
N ARG A 188 -13.07 -18.38 -27.11
CA ARG A 188 -13.20 -17.11 -26.41
C ARG A 188 -11.83 -16.43 -26.34
N GLU A 189 -11.79 -15.12 -26.60
CA GLU A 189 -10.51 -14.41 -26.59
C GLU A 189 -9.77 -14.45 -25.26
N ALA A 190 -10.52 -14.41 -24.15
CA ALA A 190 -9.89 -14.48 -22.83
C ALA A 190 -9.09 -15.78 -22.81
N VAL A 191 -9.68 -16.83 -23.35
CA VAL A 191 -9.04 -18.15 -23.41
C VAL A 191 -7.80 -18.12 -24.29
N GLN A 192 -7.92 -17.49 -25.46
CA GLN A 192 -6.80 -17.40 -26.37
C GLN A 192 -5.68 -16.54 -25.77
N SER A 193 -6.05 -15.47 -25.07
CA SER A 193 -5.05 -14.58 -24.46
C SER A 193 -4.26 -15.30 -23.40
N ALA A 194 -4.93 -16.20 -22.68
CA ALA A 194 -4.27 -16.98 -21.63
C ALA A 194 -3.32 -18.00 -22.24
N LEU A 195 -3.75 -18.64 -23.33
CA LEU A 195 -2.90 -19.64 -24.00
C LEU A 195 -1.67 -18.92 -24.51
N ARG A 196 -1.92 -17.81 -25.21
CA ARG A 196 -0.84 -17.00 -25.73
C ARG A 196 0.04 -16.58 -24.57
N ALA A 197 -0.59 -16.06 -23.51
CA ALA A 197 0.12 -15.63 -22.32
C ALA A 197 0.97 -16.74 -21.67
N GLU A 198 0.52 -17.99 -21.74
CA GLU A 198 1.31 -19.07 -21.13
C GLU A 198 2.27 -19.71 -22.14
N GLY A 199 2.40 -19.07 -23.30
CA GLY A 199 3.30 -19.56 -24.33
C GLY A 199 2.87 -20.90 -24.85
N LEU A 200 1.59 -21.22 -24.66
CA LEU A 200 1.06 -22.48 -25.11
C LEU A 200 0.77 -22.45 -26.59
N ILE A 201 0.30 -21.30 -27.09
CA ILE A 201 0.03 -21.12 -28.52
C ILE A 201 0.74 -19.87 -29.03
N LYS A 202 0.95 -19.80 -30.34
CA LYS A 202 1.62 -18.68 -31.01
C LYS A 202 3.14 -18.88 -31.04
N MET B 1 -35.98 -34.13 2.61
CA MET B 1 -34.90 -34.54 1.68
C MET B 1 -34.42 -35.97 1.92
N LYS B 2 -33.80 -36.56 0.91
CA LYS B 2 -33.26 -37.91 1.02
C LYS B 2 -31.74 -37.83 0.87
N LEU B 3 -31.03 -38.69 1.57
CA LEU B 3 -29.59 -38.74 1.45
C LEU B 3 -29.22 -40.17 1.08
N TYR B 4 -28.66 -40.36 -0.12
CA TYR B 4 -28.24 -41.67 -0.56
C TYR B 4 -26.86 -41.90 0.03
N TYR B 5 -26.80 -42.86 0.94
CA TYR B 5 -25.57 -43.16 1.65
C TYR B 5 -25.21 -44.64 1.66
N SER B 6 -24.12 -44.92 2.36
CA SER B 6 -23.59 -46.27 2.55
C SER B 6 -22.94 -46.08 3.92
N PRO B 7 -23.07 -47.06 4.83
CA PRO B 7 -22.48 -46.95 6.16
C PRO B 7 -20.99 -46.68 6.24
N GLY B 8 -20.64 -45.65 7.00
CA GLY B 8 -19.26 -45.32 7.17
C GLY B 8 -18.64 -44.61 5.99
N ALA B 9 -19.18 -44.74 4.78
CA ALA B 9 -18.58 -44.08 3.61
C ALA B 9 -18.53 -42.56 3.78
N CYS B 10 -18.08 -41.85 2.75
CA CYS B 10 -18.02 -40.39 2.83
C CYS B 10 -19.41 -39.73 2.88
N SER B 11 -20.47 -40.51 2.73
CA SER B 11 -21.83 -39.97 2.78
C SER B 11 -22.12 -39.63 4.24
N LEU B 12 -21.25 -40.10 5.12
CA LEU B 12 -21.39 -39.84 6.55
C LEU B 12 -21.17 -38.36 6.86
N SER B 13 -20.45 -37.65 5.99
CA SER B 13 -20.21 -36.21 6.17
C SER B 13 -21.51 -35.39 6.03
N PRO B 14 -22.21 -35.52 4.89
CA PRO B 14 -23.46 -34.76 4.72
C PRO B 14 -24.48 -35.16 5.80
N HIS B 15 -24.43 -36.45 6.17
CA HIS B 15 -25.32 -37.02 7.17
C HIS B 15 -25.13 -36.30 8.52
N ILE B 16 -23.87 -36.06 8.89
CA ILE B 16 -23.57 -35.36 10.14
C ILE B 16 -23.93 -33.89 10.02
N ALA B 17 -23.66 -33.31 8.85
CA ALA B 17 -23.97 -31.91 8.61
C ALA B 17 -25.47 -31.71 8.71
N LEU B 18 -26.23 -32.68 8.22
CA LEU B 18 -27.67 -32.61 8.26
C LEU B 18 -28.14 -32.52 9.71
N ARG B 19 -27.67 -33.46 10.54
CA ARG B 19 -28.03 -33.49 11.95
C ARG B 19 -27.53 -32.25 12.70
N GLU B 20 -26.35 -31.76 12.33
CA GLU B 20 -25.77 -30.56 12.95
C GLU B 20 -26.60 -29.34 12.63
N ALA B 21 -27.16 -29.29 11.42
CA ALA B 21 -27.99 -28.16 11.00
C ALA B 21 -29.40 -28.31 11.58
N GLY B 22 -29.66 -29.45 12.19
CA GLY B 22 -30.96 -29.70 12.78
C GLY B 22 -32.01 -29.97 11.72
N LEU B 23 -31.55 -30.44 10.57
CA LEU B 23 -32.44 -30.72 9.45
C LEU B 23 -32.83 -32.18 9.39
N ASN B 24 -34.14 -32.42 9.31
CA ASN B 24 -34.68 -33.78 9.23
C ASN B 24 -34.59 -34.29 7.80
N PHE B 25 -34.33 -35.58 7.67
CA PHE B 25 -34.15 -36.19 6.36
C PHE B 25 -34.43 -37.68 6.41
N GLU B 26 -34.45 -38.29 5.22
CA GLU B 26 -34.67 -39.71 5.07
C GLU B 26 -33.41 -40.32 4.49
N LEU B 27 -32.96 -41.42 5.10
CA LEU B 27 -31.78 -42.12 4.62
C LEU B 27 -32.16 -43.18 3.59
N VAL B 28 -31.42 -43.20 2.49
CA VAL B 28 -31.65 -44.18 1.44
C VAL B 28 -30.31 -44.84 1.17
N GLN B 29 -30.11 -46.05 1.71
CA GLN B 29 -28.85 -46.73 1.48
C GLN B 29 -28.76 -47.14 0.03
N VAL B 30 -27.54 -47.20 -0.50
CA VAL B 30 -27.31 -47.60 -1.87
C VAL B 30 -26.31 -48.74 -1.89
N ASP B 31 -26.67 -49.82 -2.56
CA ASP B 31 -25.79 -50.98 -2.69
C ASP B 31 -24.69 -50.60 -3.70
N LEU B 32 -23.55 -50.13 -3.21
CA LEU B 32 -22.44 -49.73 -4.08
C LEU B 32 -21.99 -50.87 -4.97
N ALA B 33 -22.51 -52.07 -4.72
CA ALA B 33 -22.17 -53.23 -5.52
C ALA B 33 -23.14 -53.37 -6.69
N SER B 34 -24.44 -53.45 -6.38
CA SER B 34 -25.46 -53.58 -7.42
C SER B 34 -25.82 -52.21 -8.01
N LYS B 35 -25.61 -51.16 -7.23
CA LYS B 35 -25.92 -49.80 -7.64
C LYS B 35 -27.44 -49.65 -7.71
N LYS B 36 -28.10 -50.12 -6.66
CA LYS B 36 -29.55 -50.05 -6.53
C LYS B 36 -29.87 -49.48 -5.15
N THR B 37 -30.81 -48.54 -5.09
CA THR B 37 -31.17 -47.95 -3.81
C THR B 37 -31.84 -49.05 -2.99
N ALA B 38 -32.31 -48.70 -1.80
CA ALA B 38 -32.97 -49.67 -0.93
C ALA B 38 -34.37 -49.99 -1.44
N SER B 39 -34.71 -49.47 -2.62
CA SER B 39 -36.01 -49.70 -3.21
C SER B 39 -35.87 -50.51 -4.49
N GLY B 40 -34.64 -50.92 -4.79
CA GLY B 40 -34.38 -51.69 -6.00
C GLY B 40 -34.03 -50.79 -7.16
N GLN B 41 -34.45 -49.53 -7.07
CA GLN B 41 -34.20 -48.54 -8.11
C GLN B 41 -32.75 -48.54 -8.54
N ASP B 42 -32.50 -48.24 -9.81
CA ASP B 42 -31.15 -48.21 -10.34
C ASP B 42 -30.47 -46.88 -10.01
N TYR B 43 -29.58 -46.92 -9.03
CA TYR B 43 -28.87 -45.72 -8.58
C TYR B 43 -28.19 -44.96 -9.70
N LEU B 44 -27.75 -45.64 -10.75
CA LEU B 44 -27.09 -44.97 -11.85
C LEU B 44 -28.06 -44.03 -12.53
N GLU B 45 -29.33 -44.17 -12.17
CA GLU B 45 -30.38 -43.32 -12.71
C GLU B 45 -30.34 -42.02 -11.92
N VAL B 46 -29.96 -42.15 -10.64
CA VAL B 46 -29.84 -41.02 -9.73
C VAL B 46 -28.45 -40.38 -9.94
N ASN B 47 -27.39 -41.18 -9.80
CA ASN B 47 -26.03 -40.66 -10.02
C ASN B 47 -25.30 -41.57 -11.01
N PRO B 48 -25.12 -41.10 -12.26
CA PRO B 48 -24.44 -41.86 -13.31
C PRO B 48 -23.05 -42.28 -12.84
N ALA B 49 -22.48 -41.47 -11.95
CA ALA B 49 -21.17 -41.71 -11.39
C ALA B 49 -21.15 -42.95 -10.49
N GLY B 50 -22.32 -43.31 -9.97
CA GLY B 50 -22.43 -44.50 -9.14
C GLY B 50 -21.90 -44.41 -7.71
N TYR B 51 -21.64 -43.23 -7.21
CA TYR B 51 -21.15 -43.13 -5.85
C TYR B 51 -21.98 -42.23 -4.96
N VAL B 52 -21.81 -42.41 -3.66
CA VAL B 52 -22.51 -41.61 -2.66
C VAL B 52 -21.50 -40.58 -2.20
N PRO B 53 -21.98 -39.48 -1.62
CA PRO B 53 -23.41 -39.24 -1.39
C PRO B 53 -24.15 -38.58 -2.55
N CYS B 54 -25.45 -38.41 -2.33
CA CYS B 54 -26.35 -37.72 -3.25
C CYS B 54 -27.47 -37.18 -2.38
N LEU B 55 -27.67 -35.86 -2.42
CA LEU B 55 -28.74 -35.26 -1.64
C LEU B 55 -29.88 -34.93 -2.61
N GLN B 56 -31.08 -35.36 -2.26
CA GLN B 56 -32.23 -35.11 -3.08
C GLN B 56 -33.17 -34.20 -2.31
N LEU B 57 -33.36 -33.00 -2.83
CA LEU B 57 -34.24 -32.04 -2.19
C LEU B 57 -35.66 -32.55 -2.19
N ASP B 58 -36.53 -31.85 -1.47
CA ASP B 58 -37.93 -32.22 -1.41
C ASP B 58 -38.47 -32.00 -2.83
N ASP B 59 -37.86 -31.04 -3.52
CA ASP B 59 -38.20 -30.68 -4.89
C ASP B 59 -38.20 -31.90 -5.79
N GLY B 60 -37.23 -32.78 -5.55
CA GLY B 60 -37.08 -33.97 -6.37
C GLY B 60 -35.76 -33.75 -7.09
N ARG B 61 -35.18 -32.56 -6.86
CA ARG B 61 -33.90 -32.19 -7.45
C ARG B 61 -32.84 -32.94 -6.67
N THR B 62 -31.68 -33.13 -7.31
CA THR B 62 -30.59 -33.86 -6.70
C THR B 62 -29.27 -33.10 -6.74
N LEU B 63 -28.36 -33.48 -5.84
CA LEU B 63 -27.06 -32.83 -5.76
C LEU B 63 -26.00 -33.87 -5.36
N THR B 64 -24.86 -33.86 -6.04
CA THR B 64 -23.77 -34.77 -5.70
C THR B 64 -22.51 -33.99 -5.30
N GLU B 65 -21.47 -34.73 -4.95
CA GLU B 65 -20.18 -34.16 -4.53
C GLU B 65 -20.34 -33.62 -3.11
N GLY B 66 -19.63 -34.25 -2.16
CA GLY B 66 -19.73 -33.87 -0.77
C GLY B 66 -19.65 -32.37 -0.53
N PRO B 67 -18.58 -31.73 -1.00
CA PRO B 67 -18.38 -30.28 -0.84
C PRO B 67 -19.58 -29.37 -1.22
N ALA B 68 -20.35 -29.78 -2.24
CA ALA B 68 -21.52 -29.01 -2.68
C ALA B 68 -22.68 -29.29 -1.75
N ILE B 69 -22.90 -30.57 -1.51
CA ILE B 69 -23.96 -31.00 -0.63
C ILE B 69 -23.82 -30.34 0.74
N VAL B 70 -22.63 -30.39 1.33
CA VAL B 70 -22.47 -29.82 2.66
C VAL B 70 -22.62 -28.31 2.66
N GLN B 71 -22.30 -27.64 1.55
CA GLN B 71 -22.47 -26.20 1.50
C GLN B 71 -23.95 -25.84 1.40
N TYR B 72 -24.71 -26.66 0.67
CA TYR B 72 -26.15 -26.45 0.56
C TYR B 72 -26.75 -26.62 1.96
N VAL B 73 -26.39 -27.71 2.61
CA VAL B 73 -26.88 -28.00 3.94
C VAL B 73 -26.55 -26.87 4.92
N ALA B 74 -25.30 -26.43 4.92
CA ALA B 74 -24.86 -25.36 5.80
C ALA B 74 -25.65 -24.06 5.62
N ASP B 75 -25.87 -23.68 4.37
CA ASP B 75 -26.58 -22.44 4.04
C ASP B 75 -28.06 -22.48 4.39
N GLN B 76 -28.59 -23.66 4.71
CA GLN B 76 -30.00 -23.78 5.06
C GLN B 76 -30.28 -23.28 6.47
N VAL B 77 -29.32 -23.46 7.36
CA VAL B 77 -29.48 -23.01 8.73
C VAL B 77 -28.26 -22.18 9.14
N PRO B 78 -28.07 -21.00 8.51
CA PRO B 78 -26.93 -20.13 8.81
C PRO B 78 -26.78 -19.84 10.30
N GLY B 79 -27.89 -19.90 11.03
CA GLY B 79 -27.85 -19.64 12.45
C GLY B 79 -26.91 -20.57 13.18
N LYS B 80 -26.65 -21.73 12.57
CA LYS B 80 -25.78 -22.73 13.14
C LYS B 80 -24.32 -22.50 12.72
N GLN B 81 -24.11 -21.57 11.80
CA GLN B 81 -22.77 -21.25 11.31
C GLN B 81 -21.93 -22.49 10.98
N LEU B 82 -22.42 -23.29 10.03
CA LEU B 82 -21.72 -24.50 9.60
C LEU B 82 -20.83 -24.16 8.40
N ALA B 83 -20.86 -22.90 8.01
CA ALA B 83 -20.07 -22.41 6.90
C ALA B 83 -20.05 -20.89 7.02
N PRO B 84 -18.92 -20.24 6.70
CA PRO B 84 -18.90 -18.78 6.78
C PRO B 84 -19.90 -18.23 5.77
N ALA B 85 -20.43 -17.04 6.04
CA ALA B 85 -21.41 -16.42 5.14
C ALA B 85 -20.93 -16.36 3.70
N ASN B 86 -21.83 -16.56 2.75
CA ASN B 86 -21.45 -16.49 1.35
C ASN B 86 -20.95 -15.08 1.05
N GLY B 87 -19.96 -14.97 0.18
CA GLY B 87 -19.46 -13.65 -0.16
C GLY B 87 -18.38 -13.20 0.81
N SER B 88 -18.18 -13.95 1.89
CA SER B 88 -17.14 -13.62 2.86
C SER B 88 -15.89 -14.41 2.48
N PHE B 89 -14.73 -13.80 2.64
CA PHE B 89 -13.48 -14.45 2.29
C PHE B 89 -13.37 -15.85 2.90
N GLU B 90 -13.67 -15.96 4.19
CA GLU B 90 -13.58 -17.24 4.89
C GLU B 90 -14.50 -18.30 4.31
N ARG B 91 -15.44 -17.90 3.45
CA ARG B 91 -16.32 -18.87 2.83
C ARG B 91 -15.52 -19.54 1.71
N TYR B 92 -14.72 -18.75 1.00
CA TYR B 92 -13.87 -19.26 -0.08
C TYR B 92 -12.75 -20.08 0.58
N HIS B 93 -12.35 -19.64 1.76
CA HIS B 93 -11.31 -20.31 2.52
C HIS B 93 -11.85 -21.69 2.94
N LEU B 94 -13.15 -21.74 3.24
CA LEU B 94 -13.82 -22.99 3.62
C LEU B 94 -13.84 -23.92 2.41
N GLN B 95 -14.18 -23.37 1.24
CA GLN B 95 -14.24 -24.14 0.01
C GLN B 95 -12.83 -24.65 -0.35
N GLN B 96 -11.82 -23.89 0.05
CA GLN B 96 -10.43 -24.27 -0.19
C GLN B 96 -10.18 -25.58 0.57
N TRP B 97 -10.62 -25.63 1.81
CA TRP B 97 -10.45 -26.81 2.65
C TRP B 97 -11.31 -27.98 2.21
N LEU B 98 -12.49 -27.70 1.67
CA LEU B 98 -13.39 -28.76 1.21
C LEU B 98 -12.80 -29.46 -0.01
N ASN B 99 -12.18 -28.67 -0.90
CA ASN B 99 -11.56 -29.25 -2.10
C ASN B 99 -10.28 -29.98 -1.71
N PHE B 100 -9.62 -29.50 -0.65
CA PHE B 100 -8.38 -30.10 -0.19
C PHE B 100 -8.66 -31.50 0.37
N ILE B 101 -9.67 -31.58 1.22
CA ILE B 101 -10.03 -32.84 1.84
C ILE B 101 -10.53 -33.82 0.78
N SER B 102 -11.24 -33.30 -0.21
CA SER B 102 -11.77 -34.14 -1.27
C SER B 102 -10.69 -34.71 -2.20
N SER B 103 -9.86 -33.85 -2.77
CA SER B 103 -8.82 -34.31 -3.69
C SER B 103 -7.47 -34.67 -3.08
N GLU B 104 -7.11 -34.02 -1.96
CA GLU B 104 -5.80 -34.29 -1.32
C GLU B 104 -5.83 -35.27 -0.16
N LEU B 105 -7.03 -35.74 0.21
CA LEU B 105 -7.15 -36.68 1.32
C LEU B 105 -8.08 -37.84 0.97
N HIS B 106 -9.33 -37.50 0.66
CA HIS B 106 -10.35 -38.47 0.31
C HIS B 106 -9.91 -39.38 -0.83
N LYS B 107 -9.44 -38.82 -1.93
CA LYS B 107 -9.04 -39.64 -3.07
C LYS B 107 -7.70 -40.34 -2.87
N SER B 108 -7.00 -40.02 -1.80
CA SER B 108 -5.72 -40.67 -1.50
C SER B 108 -6.07 -41.99 -0.81
N PHE B 109 -7.16 -41.94 -0.05
CA PHE B 109 -7.65 -43.10 0.70
C PHE B 109 -8.30 -44.14 -0.21
N SER B 110 -8.93 -43.68 -1.29
CA SER B 110 -9.60 -44.58 -2.24
C SER B 110 -8.81 -45.84 -2.59
N PRO B 111 -7.58 -45.66 -3.10
CA PRO B 111 -6.72 -46.79 -3.50
C PRO B 111 -6.45 -47.77 -2.35
N LEU B 112 -6.21 -47.24 -1.17
CA LEU B 112 -5.93 -48.06 0.00
C LEU B 112 -7.12 -48.94 0.33
N PHE B 113 -8.28 -48.65 -0.26
CA PHE B 113 -9.48 -49.43 -0.02
C PHE B 113 -9.75 -50.47 -1.10
N ASN B 114 -9.03 -50.37 -2.20
CA ASN B 114 -9.18 -51.29 -3.31
C ASN B 114 -8.09 -52.36 -3.33
N PRO B 115 -8.46 -53.63 -3.60
CA PRO B 115 -7.51 -54.74 -3.66
C PRO B 115 -6.92 -54.89 -5.06
N ALA B 116 -7.64 -54.34 -6.04
CA ALA B 116 -7.22 -54.39 -7.44
C ALA B 116 -6.27 -53.24 -7.78
N SER B 117 -5.47 -52.82 -6.82
CA SER B 117 -4.51 -51.74 -7.02
C SER B 117 -3.12 -52.23 -6.64
N SER B 118 -2.16 -52.08 -7.55
CA SER B 118 -0.79 -52.53 -7.31
C SER B 118 -0.31 -52.23 -5.89
N ASP B 119 0.57 -53.08 -5.39
CA ASP B 119 1.11 -52.92 -4.05
C ASP B 119 1.95 -51.65 -3.97
N GLU B 120 2.50 -51.23 -5.11
CA GLU B 120 3.33 -50.03 -5.18
C GLU B 120 2.44 -48.78 -5.25
N TRP B 121 1.19 -49.00 -5.63
CA TRP B 121 0.21 -47.93 -5.74
C TRP B 121 -0.05 -47.36 -4.35
N LYS B 122 -0.43 -48.24 -3.43
CA LYS B 122 -0.73 -47.86 -2.06
C LYS B 122 0.44 -47.19 -1.34
N ASN B 123 1.66 -47.60 -1.72
CA ASN B 123 2.88 -47.06 -1.10
C ASN B 123 3.06 -45.58 -1.40
N ALA B 124 2.92 -45.23 -2.68
CA ALA B 124 3.06 -43.85 -3.12
C ALA B 124 2.03 -42.94 -2.47
N VAL B 125 0.77 -43.36 -2.54
CA VAL B 125 -0.34 -42.61 -1.98
C VAL B 125 -0.27 -42.56 -0.46
N ARG B 126 0.45 -43.52 0.14
CA ARG B 126 0.58 -43.54 1.59
C ARG B 126 1.52 -42.46 2.06
N GLN B 127 2.43 -42.04 1.19
CA GLN B 127 3.36 -40.98 1.56
C GLN B 127 2.69 -39.63 1.36
N SER B 128 1.84 -39.55 0.34
CA SER B 128 1.11 -38.32 0.07
C SER B 128 0.29 -38.00 1.30
N LEU B 129 -0.40 -39.01 1.80
CA LEU B 129 -1.20 -38.81 3.00
C LEU B 129 -0.30 -38.33 4.14
N ASN B 130 0.84 -38.97 4.31
CA ASN B 130 1.76 -38.56 5.37
C ASN B 130 2.19 -37.11 5.21
N THR B 131 2.31 -36.68 3.95
CA THR B 131 2.71 -35.31 3.67
C THR B 131 1.53 -34.38 3.94
N ARG B 132 0.39 -34.69 3.35
CA ARG B 132 -0.80 -33.88 3.54
C ARG B 132 -1.33 -33.93 4.97
N LEU B 133 -1.48 -35.15 5.52
CA LEU B 133 -1.95 -35.31 6.89
C LEU B 133 -1.09 -34.49 7.84
N GLY B 134 0.16 -34.30 7.45
CA GLY B 134 1.08 -33.53 8.27
C GLY B 134 0.72 -32.05 8.25
N GLN B 135 0.28 -31.56 7.10
CA GLN B 135 -0.11 -30.17 6.95
C GLN B 135 -1.40 -29.87 7.72
N VAL B 136 -2.36 -30.80 7.64
CA VAL B 136 -3.62 -30.64 8.33
C VAL B 136 -3.34 -30.66 9.83
N ALA B 137 -2.55 -31.64 10.26
CA ALA B 137 -2.18 -31.76 11.66
C ALA B 137 -1.61 -30.43 12.10
N ARG B 138 -0.72 -29.85 11.29
CA ARG B 138 -0.12 -28.56 11.60
C ARG B 138 -1.19 -27.45 11.65
N GLN B 139 -2.22 -27.59 10.81
CA GLN B 139 -3.30 -26.60 10.78
C GLN B 139 -4.02 -26.58 12.14
N LEU B 140 -4.37 -27.77 12.60
CA LEU B 140 -5.11 -27.94 13.86
C LEU B 140 -4.21 -28.00 15.08
N GLU B 141 -2.99 -27.50 14.96
CA GLU B 141 -2.08 -27.52 16.09
C GLU B 141 -2.42 -26.40 17.07
N HIS B 142 -2.45 -25.16 16.59
CA HIS B 142 -2.76 -24.05 17.47
C HIS B 142 -4.20 -23.52 17.34
N ALA B 143 -5.08 -24.34 16.78
CA ALA B 143 -6.49 -23.99 16.62
C ALA B 143 -7.34 -25.27 16.59
N PRO B 144 -8.50 -25.26 17.28
CA PRO B 144 -9.39 -26.43 17.32
C PRO B 144 -9.97 -26.90 15.98
N TYR B 145 -10.34 -25.98 15.10
CA TYR B 145 -10.90 -26.37 13.82
C TYR B 145 -10.13 -25.80 12.62
N LEU B 146 -10.48 -26.28 11.42
CA LEU B 146 -9.81 -25.84 10.19
C LEU B 146 -9.87 -24.34 9.96
N LEU B 147 -10.97 -23.71 10.33
CA LEU B 147 -11.10 -22.26 10.14
C LEU B 147 -11.04 -21.50 11.46
N GLY B 148 -10.48 -22.12 12.49
CA GLY B 148 -10.37 -21.44 13.76
C GLY B 148 -11.11 -22.08 14.92
N ASP B 149 -11.96 -21.28 15.56
CA ASP B 149 -12.74 -21.75 16.70
C ASP B 149 -14.09 -22.32 16.34
N GLN B 150 -14.67 -21.85 15.24
CA GLN B 150 -15.98 -22.31 14.79
C GLN B 150 -15.92 -23.56 13.91
N LEU B 151 -16.65 -24.59 14.33
CA LEU B 151 -16.72 -25.84 13.59
C LEU B 151 -17.54 -25.61 12.33
N SER B 152 -16.98 -25.99 11.18
CA SER B 152 -17.65 -25.84 9.89
C SER B 152 -17.87 -27.22 9.27
N VAL B 153 -18.44 -27.25 8.08
CA VAL B 153 -18.67 -28.52 7.39
C VAL B 153 -17.33 -29.10 6.93
N ALA B 154 -16.31 -28.26 6.86
CA ALA B 154 -14.98 -28.72 6.46
C ALA B 154 -14.42 -29.65 7.53
N ASP B 155 -14.67 -29.34 8.79
CA ASP B 155 -14.20 -30.17 9.89
C ASP B 155 -14.92 -31.51 9.89
N ILE B 156 -16.22 -31.48 9.59
CA ILE B 156 -17.03 -32.69 9.52
C ILE B 156 -16.52 -33.62 8.41
N TYR B 157 -16.22 -33.06 7.26
CA TYR B 157 -15.71 -33.85 6.14
C TYR B 157 -14.38 -34.48 6.56
N LEU B 158 -13.50 -33.69 7.17
CA LEU B 158 -12.19 -34.17 7.62
C LEU B 158 -12.35 -35.31 8.64
N PHE B 159 -13.24 -35.11 9.60
CA PHE B 159 -13.52 -36.09 10.64
C PHE B 159 -13.81 -37.48 10.03
N VAL B 160 -14.74 -37.51 9.08
CA VAL B 160 -15.12 -38.73 8.39
C VAL B 160 -13.93 -39.35 7.67
N VAL B 161 -13.15 -38.51 7.01
CA VAL B 161 -11.98 -38.96 6.26
C VAL B 161 -10.94 -39.64 7.14
N LEU B 162 -10.60 -39.00 8.25
CA LEU B 162 -9.61 -39.56 9.17
C LEU B 162 -10.12 -40.85 9.75
N GLY B 163 -11.44 -40.93 9.97
CA GLY B 163 -12.04 -42.12 10.52
C GLY B 163 -11.65 -43.38 9.78
N TRP B 164 -11.24 -43.24 8.51
CA TRP B 164 -10.82 -44.38 7.69
C TRP B 164 -9.38 -44.79 7.95
N SER B 165 -8.63 -43.94 8.64
CA SER B 165 -7.22 -44.23 8.89
C SER B 165 -6.97 -45.51 9.68
N ALA B 166 -8.01 -46.04 10.30
CA ALA B 166 -7.88 -47.27 11.08
C ALA B 166 -7.92 -48.48 10.15
N TYR B 167 -8.97 -48.54 9.34
CA TYR B 167 -9.18 -49.61 8.37
C TYR B 167 -8.00 -49.74 7.40
N VAL B 168 -7.19 -48.68 7.30
CA VAL B 168 -6.03 -48.70 6.41
C VAL B 168 -4.68 -48.64 7.13
N ASN B 169 -4.71 -48.85 8.44
CA ASN B 169 -3.49 -48.86 9.25
C ASN B 169 -2.65 -47.59 9.16
N ILE B 170 -3.28 -46.43 9.26
CA ILE B 170 -2.53 -45.18 9.22
C ILE B 170 -2.46 -44.52 10.59
N ASP B 171 -1.73 -45.15 11.51
CA ASP B 171 -1.57 -44.63 12.87
C ASP B 171 -1.43 -43.10 12.85
N LEU B 172 -2.24 -42.44 13.69
CA LEU B 172 -2.23 -40.99 13.77
C LEU B 172 -1.48 -40.46 14.97
N SER B 173 -0.84 -41.34 15.73
CA SER B 173 -0.10 -40.89 16.90
C SER B 173 1.00 -39.89 16.49
N PRO B 174 1.43 -39.93 15.21
CA PRO B 174 2.46 -38.95 14.83
C PRO B 174 1.80 -37.56 14.83
N TRP B 175 0.47 -37.58 14.69
CA TRP B 175 -0.29 -36.35 14.63
C TRP B 175 -1.31 -36.24 15.76
N PRO B 176 -0.83 -36.05 16.99
CA PRO B 176 -1.71 -35.94 18.15
C PRO B 176 -2.81 -34.87 17.96
N SER B 177 -2.50 -33.83 17.18
CA SER B 177 -3.46 -32.76 16.91
C SER B 177 -4.65 -33.29 16.11
N LEU B 178 -4.45 -34.44 15.47
CA LEU B 178 -5.48 -35.10 14.68
C LEU B 178 -6.31 -36.02 15.58
N GLN B 179 -5.64 -36.56 16.59
CA GLN B 179 -6.31 -37.45 17.53
C GLN B 179 -7.19 -36.58 18.40
N ALA B 180 -6.70 -35.38 18.69
CA ALA B 180 -7.45 -34.44 19.50
C ALA B 180 -8.70 -34.04 18.71
N PHE B 181 -8.48 -33.60 17.47
CA PHE B 181 -9.55 -33.19 16.56
C PHE B 181 -10.60 -34.29 16.53
N GLN B 182 -10.18 -35.50 16.21
CA GLN B 182 -11.05 -36.66 16.14
C GLN B 182 -11.84 -36.90 17.42
N GLY B 183 -11.16 -36.82 18.55
CA GLY B 183 -11.84 -37.02 19.81
C GLY B 183 -12.81 -35.88 20.05
N ARG B 184 -12.44 -34.71 19.57
CA ARG B 184 -13.26 -33.51 19.72
C ARG B 184 -14.56 -33.59 18.92
N VAL B 185 -14.45 -33.72 17.59
CA VAL B 185 -15.63 -33.81 16.73
C VAL B 185 -16.49 -35.02 17.10
N GLY B 186 -15.83 -36.15 17.30
CA GLY B 186 -16.52 -37.38 17.65
C GLY B 186 -17.41 -37.35 18.88
N GLY B 187 -17.13 -36.47 19.83
CA GLY B 187 -17.94 -36.40 21.03
C GLY B 187 -19.25 -35.64 20.89
N ARG B 188 -19.46 -35.03 19.72
CA ARG B 188 -20.67 -34.27 19.46
C ARG B 188 -21.88 -35.19 19.28
N GLU B 189 -23.01 -34.80 19.85
CA GLU B 189 -24.23 -35.60 19.74
C GLU B 189 -24.63 -35.86 18.29
N ALA B 190 -24.69 -34.81 17.48
CA ALA B 190 -25.04 -34.97 16.07
C ALA B 190 -24.17 -36.05 15.42
N VAL B 191 -22.90 -36.11 15.84
CA VAL B 191 -21.95 -37.09 15.32
C VAL B 191 -22.34 -38.49 15.76
N GLN B 192 -22.48 -38.68 17.07
CA GLN B 192 -22.85 -39.96 17.63
C GLN B 192 -24.24 -40.42 17.17
N SER B 193 -25.10 -39.47 16.85
CA SER B 193 -26.45 -39.78 16.38
C SER B 193 -26.34 -40.38 14.98
N ALA B 194 -25.54 -39.74 14.13
CA ALA B 194 -25.34 -40.20 12.76
C ALA B 194 -24.71 -41.59 12.77
N LEU B 195 -23.77 -41.84 13.69
CA LEU B 195 -23.13 -43.14 13.78
C LEU B 195 -24.18 -44.20 14.13
N ARG B 196 -24.94 -43.93 15.18
CA ARG B 196 -25.99 -44.82 15.66
C ARG B 196 -27.02 -45.09 14.56
N ALA B 197 -27.43 -44.04 13.85
CA ALA B 197 -28.39 -44.16 12.77
C ALA B 197 -27.83 -44.98 11.60
N GLU B 198 -26.57 -44.76 11.24
CA GLU B 198 -25.96 -45.50 10.15
C GLU B 198 -25.69 -46.93 10.59
N GLY B 199 -26.11 -47.27 11.80
CA GLY B 199 -25.90 -48.62 12.30
C GLY B 199 -24.48 -48.92 12.71
N LEU B 200 -23.65 -47.88 12.73
CA LEU B 200 -22.26 -48.06 13.15
C LEU B 200 -22.28 -48.21 14.68
N ILE B 201 -23.45 -48.60 15.19
CA ILE B 201 -23.70 -48.79 16.63
C ILE B 201 -22.78 -47.96 17.50
N MET C 1 0.14 34.67 -34.26
CA MET C 1 0.86 34.15 -33.05
C MET C 1 2.36 34.34 -33.21
N LYS C 2 3.06 34.50 -32.09
CA LYS C 2 4.50 34.69 -32.11
C LYS C 2 5.26 33.44 -31.66
N LEU C 3 6.48 33.31 -32.16
CA LEU C 3 7.35 32.21 -31.80
C LEU C 3 8.66 32.82 -31.37
N TYR C 4 8.98 32.69 -30.08
CA TYR C 4 10.25 33.18 -29.58
C TYR C 4 11.23 32.11 -30.00
N TYR C 5 12.34 32.52 -30.61
CA TYR C 5 13.29 31.55 -31.13
C TYR C 5 14.73 32.02 -31.15
N SER C 6 15.61 31.10 -31.54
CA SER C 6 17.05 31.32 -31.68
C SER C 6 17.49 30.44 -32.85
N PRO C 7 18.19 31.02 -33.84
CA PRO C 7 18.66 30.31 -35.04
C PRO C 7 19.31 28.94 -34.79
N GLY C 8 18.87 27.93 -35.53
CA GLY C 8 19.43 26.60 -35.38
C GLY C 8 18.91 25.81 -34.18
N ALA C 9 18.42 26.50 -33.15
CA ALA C 9 17.91 25.86 -31.94
C ALA C 9 16.71 24.96 -32.22
N CYS C 10 16.20 24.28 -31.19
CA CYS C 10 15.07 23.38 -31.38
C CYS C 10 13.79 24.10 -31.82
N SER C 11 13.74 25.42 -31.65
CA SER C 11 12.57 26.18 -32.07
C SER C 11 12.40 26.17 -33.59
N LEU C 12 13.41 25.66 -34.29
CA LEU C 12 13.36 25.56 -35.74
C LEU C 12 12.26 24.57 -36.10
N SER C 13 11.97 23.67 -35.16
CA SER C 13 10.92 22.66 -35.34
C SER C 13 9.54 23.34 -35.45
N PRO C 14 9.13 24.09 -34.41
CA PRO C 14 7.83 24.75 -34.48
C PRO C 14 7.82 25.77 -35.63
N HIS C 15 8.99 26.37 -35.89
CA HIS C 15 9.13 27.36 -36.96
C HIS C 15 8.71 26.72 -38.28
N ILE C 16 9.20 25.52 -38.55
CA ILE C 16 8.86 24.84 -39.77
C ILE C 16 7.40 24.41 -39.74
N ALA C 17 6.93 24.03 -38.55
CA ALA C 17 5.54 23.61 -38.39
C ALA C 17 4.62 24.76 -38.80
N LEU C 18 4.95 25.95 -38.34
CA LEU C 18 4.18 27.15 -38.68
C LEU C 18 4.18 27.35 -40.21
N ARG C 19 5.36 27.29 -40.83
CA ARG C 19 5.47 27.44 -42.28
C ARG C 19 4.67 26.35 -43.00
N GLU C 20 4.86 25.11 -42.56
CA GLU C 20 4.15 23.97 -43.13
C GLU C 20 2.63 24.07 -42.95
N ALA C 21 2.18 24.63 -41.84
CA ALA C 21 0.73 24.77 -41.57
C ALA C 21 0.07 25.93 -42.31
N GLY C 22 0.86 26.93 -42.71
CA GLY C 22 0.31 28.05 -43.45
C GLY C 22 -0.36 29.11 -42.59
N LEU C 23 -0.02 29.15 -41.31
CA LEU C 23 -0.59 30.11 -40.37
C LEU C 23 0.14 31.46 -40.39
N ASN C 24 -0.53 32.50 -39.92
CA ASN C 24 0.11 33.81 -39.85
C ASN C 24 0.93 33.72 -38.58
N PHE C 25 2.12 34.31 -38.58
CA PHE C 25 2.97 34.29 -37.41
C PHE C 25 4.04 35.34 -37.51
N GLU C 26 4.65 35.61 -36.37
CA GLU C 26 5.72 36.57 -36.26
C GLU C 26 6.77 35.89 -35.40
N LEU C 27 8.01 35.88 -35.88
CA LEU C 27 9.12 35.27 -35.17
C LEU C 27 9.79 36.30 -34.27
N VAL C 28 9.91 35.99 -32.98
CA VAL C 28 10.54 36.90 -32.03
C VAL C 28 11.81 36.26 -31.50
N GLN C 29 12.95 36.79 -31.92
CA GLN C 29 14.22 36.24 -31.47
C GLN C 29 14.56 36.60 -30.03
N VAL C 30 15.28 35.71 -29.38
CA VAL C 30 15.70 35.89 -27.99
C VAL C 30 17.20 35.62 -27.91
N ASP C 31 17.90 36.29 -27.00
CA ASP C 31 19.32 36.05 -26.83
C ASP C 31 19.38 35.17 -25.59
N LEU C 32 19.47 33.87 -25.81
CA LEU C 32 19.50 32.89 -24.74
C LEU C 32 20.64 33.15 -23.77
N ALA C 33 21.59 33.97 -24.17
CA ALA C 33 22.73 34.32 -23.32
C ALA C 33 22.31 35.41 -22.34
N SER C 34 21.62 36.42 -22.86
CA SER C 34 21.16 37.55 -22.06
C SER C 34 19.75 37.36 -21.47
N LYS C 35 18.99 36.43 -22.03
CA LYS C 35 17.64 36.16 -21.54
C LYS C 35 16.69 37.34 -21.68
N LYS C 36 16.65 37.91 -22.88
CA LYS C 36 15.77 39.04 -23.14
C LYS C 36 15.27 39.02 -24.58
N THR C 37 13.99 39.32 -24.76
CA THR C 37 13.36 39.34 -26.07
C THR C 37 14.08 40.30 -27.03
N ALA C 38 13.52 40.48 -28.22
CA ALA C 38 14.12 41.36 -29.20
C ALA C 38 13.91 42.82 -28.80
N SER C 39 12.77 43.11 -28.18
CA SER C 39 12.46 44.47 -27.74
C SER C 39 13.28 44.86 -26.52
N GLY C 40 13.61 43.87 -25.70
CA GLY C 40 14.40 44.13 -24.52
C GLY C 40 13.82 43.56 -23.25
N GLN C 41 12.50 43.36 -23.21
CA GLN C 41 11.86 42.83 -22.01
C GLN C 41 12.55 41.52 -21.59
N ASP C 42 12.32 41.11 -20.35
CA ASP C 42 12.94 39.91 -19.84
C ASP C 42 12.20 38.62 -20.24
N TYR C 43 12.82 37.82 -21.10
CA TYR C 43 12.23 36.58 -21.58
C TYR C 43 11.86 35.62 -20.45
N LEU C 44 12.48 35.81 -19.28
CA LEU C 44 12.17 34.94 -18.14
C LEU C 44 10.77 35.27 -17.63
N GLU C 45 10.27 36.43 -18.06
CA GLU C 45 8.94 36.88 -17.69
C GLU C 45 7.96 36.14 -18.61
N VAL C 46 8.45 35.78 -19.79
CA VAL C 46 7.67 35.05 -20.79
C VAL C 46 7.80 33.57 -20.44
N ASN C 47 9.03 33.07 -20.37
CA ASN C 47 9.29 31.67 -20.02
C ASN C 47 10.29 31.61 -18.87
N PRO C 48 9.85 31.16 -17.68
CA PRO C 48 10.67 31.03 -16.47
C PRO C 48 11.98 30.27 -16.71
N ALA C 49 11.87 29.09 -17.31
CA ALA C 49 13.02 28.25 -17.60
C ALA C 49 14.06 28.93 -18.51
N GLY C 50 13.62 29.97 -19.23
CA GLY C 50 14.52 30.73 -20.10
C GLY C 50 14.87 30.19 -21.47
N TYR C 51 14.38 29.00 -21.83
CA TYR C 51 14.70 28.45 -23.13
C TYR C 51 13.57 28.55 -24.13
N VAL C 52 13.91 28.37 -25.40
CA VAL C 52 12.96 28.41 -26.50
C VAL C 52 12.71 26.97 -26.98
N PRO C 53 11.65 26.76 -27.77
CA PRO C 53 10.73 27.82 -28.20
C PRO C 53 9.65 28.17 -27.18
N CYS C 54 8.89 29.19 -27.55
CA CYS C 54 7.76 29.64 -26.77
C CYS C 54 6.81 30.30 -27.76
N LEU C 55 5.58 29.77 -27.82
CA LEU C 55 4.59 30.31 -28.71
C LEU C 55 3.68 31.22 -27.89
N GLN C 56 3.38 32.40 -28.41
CA GLN C 56 2.52 33.34 -27.72
C GLN C 56 1.35 33.73 -28.62
N LEU C 57 0.15 33.31 -28.26
CA LEU C 57 -1.03 33.60 -29.06
C LEU C 57 -1.34 35.09 -29.13
N ASP C 58 -2.05 35.48 -30.18
CA ASP C 58 -2.43 36.88 -30.39
C ASP C 58 -3.32 37.37 -29.26
N ASP C 59 -3.65 36.47 -28.33
CA ASP C 59 -4.49 36.85 -27.21
C ASP C 59 -3.68 36.90 -25.90
N GLY C 60 -2.37 36.70 -26.01
CA GLY C 60 -1.51 36.76 -24.86
C GLY C 60 -1.07 35.42 -24.27
N ARG C 61 -1.93 34.42 -24.30
CA ARG C 61 -1.58 33.12 -23.75
C ARG C 61 -0.33 32.60 -24.43
N THR C 62 0.48 31.85 -23.66
CA THR C 62 1.72 31.26 -24.14
C THR C 62 1.75 29.75 -23.91
N LEU C 63 2.67 29.09 -24.60
CA LEU C 63 2.84 27.64 -24.50
C LEU C 63 4.32 27.33 -24.79
N THR C 64 4.93 26.48 -23.96
CA THR C 64 6.33 26.08 -24.12
C THR C 64 6.41 24.57 -24.37
N GLU C 65 7.62 24.07 -24.65
CA GLU C 65 7.87 22.65 -24.94
C GLU C 65 7.51 22.37 -26.39
N GLY C 66 8.52 22.09 -27.20
CA GLY C 66 8.31 21.81 -28.62
C GLY C 66 7.15 20.87 -28.92
N PRO C 67 7.14 19.67 -28.33
CA PRO C 67 6.05 18.72 -28.59
C PRO C 67 4.66 19.30 -28.35
N ALA C 68 4.51 20.17 -27.35
CA ALA C 68 3.22 20.79 -27.06
C ALA C 68 2.88 21.85 -28.11
N ILE C 69 3.87 22.66 -28.46
CA ILE C 69 3.70 23.72 -29.44
C ILE C 69 3.37 23.21 -30.85
N VAL C 70 4.12 22.22 -31.34
CA VAL C 70 3.87 21.70 -32.69
C VAL C 70 2.56 20.94 -32.79
N GLN C 71 2.03 20.47 -31.66
CA GLN C 71 0.74 19.79 -31.68
C GLN C 71 -0.35 20.87 -31.75
N TYR C 72 -0.13 21.99 -31.06
CA TYR C 72 -1.09 23.08 -31.12
C TYR C 72 -1.18 23.55 -32.56
N VAL C 73 -0.02 23.86 -33.14
CA VAL C 73 0.06 24.33 -34.52
C VAL C 73 -0.65 23.39 -35.50
N ALA C 74 -0.26 22.12 -35.48
CA ALA C 74 -0.85 21.12 -36.35
C ALA C 74 -2.37 21.06 -36.25
N ASP C 75 -2.88 21.07 -35.03
CA ASP C 75 -4.32 20.98 -34.79
C ASP C 75 -5.10 22.16 -35.36
N GLN C 76 -4.39 23.20 -35.78
CA GLN C 76 -5.05 24.37 -36.35
C GLN C 76 -5.45 24.13 -37.81
N VAL C 77 -4.73 23.26 -38.50
CA VAL C 77 -5.02 22.97 -39.89
C VAL C 77 -5.14 21.46 -40.09
N PRO C 78 -6.19 20.85 -39.53
CA PRO C 78 -6.38 19.41 -39.66
C PRO C 78 -6.30 18.98 -41.13
N GLY C 79 -6.71 19.88 -42.01
CA GLY C 79 -6.68 19.58 -43.42
C GLY C 79 -5.29 19.27 -43.95
N LYS C 80 -4.25 19.76 -43.28
CA LYS C 80 -2.90 19.51 -43.76
C LYS C 80 -2.28 18.22 -43.22
N GLN C 81 -2.98 17.58 -42.29
CA GLN C 81 -2.53 16.34 -41.68
C GLN C 81 -1.11 16.38 -41.16
N LEU C 82 -0.81 17.35 -40.30
CA LEU C 82 0.51 17.47 -39.71
C LEU C 82 0.53 16.64 -38.41
N ALA C 83 -0.62 16.09 -38.07
CA ALA C 83 -0.75 15.27 -36.89
C ALA C 83 -2.05 14.49 -36.98
N PRO C 84 -2.02 13.17 -36.68
CA PRO C 84 -3.22 12.33 -36.72
C PRO C 84 -4.31 12.99 -35.88
N ALA C 85 -5.56 12.73 -36.21
CA ALA C 85 -6.67 13.31 -35.47
C ALA C 85 -6.58 12.90 -34.01
N ASN C 86 -6.96 13.81 -33.10
CA ASN C 86 -6.95 13.54 -31.68
C ASN C 86 -7.91 12.39 -31.38
N GLY C 87 -7.60 11.55 -30.40
CA GLY C 87 -8.49 10.46 -30.08
C GLY C 87 -8.20 9.22 -30.90
N SER C 88 -7.45 9.37 -31.98
CA SER C 88 -7.07 8.25 -32.85
C SER C 88 -5.82 7.62 -32.24
N PHE C 89 -5.61 6.33 -32.48
CA PHE C 89 -4.43 5.66 -31.94
C PHE C 89 -3.15 6.31 -32.44
N GLU C 90 -3.14 6.70 -33.72
CA GLU C 90 -1.96 7.31 -34.32
C GLU C 90 -1.52 8.63 -33.71
N ARG C 91 -2.44 9.33 -33.04
CA ARG C 91 -2.10 10.60 -32.41
C ARG C 91 -1.24 10.33 -31.18
N TYR C 92 -1.59 9.27 -30.45
CA TYR C 92 -0.83 8.90 -29.27
C TYR C 92 0.53 8.37 -29.73
N HIS C 93 0.54 7.76 -30.92
CA HIS C 93 1.77 7.23 -31.48
C HIS C 93 2.66 8.43 -31.85
N LEU C 94 2.04 9.48 -32.36
CA LEU C 94 2.74 10.72 -32.71
C LEU C 94 3.36 11.27 -31.44
N GLN C 95 2.56 11.30 -30.38
CA GLN C 95 2.98 11.79 -29.08
C GLN C 95 4.11 10.93 -28.54
N GLN C 96 4.08 9.64 -28.88
CA GLN C 96 5.12 8.72 -28.45
C GLN C 96 6.44 9.12 -29.11
N TRP C 97 6.39 9.40 -30.41
CA TRP C 97 7.58 9.79 -31.15
C TRP C 97 8.13 11.17 -30.75
N LEU C 98 7.24 12.15 -30.56
CA LEU C 98 7.65 13.48 -30.15
C LEU C 98 8.40 13.42 -28.81
N ASN C 99 7.88 12.63 -27.88
CA ASN C 99 8.51 12.50 -26.57
C ASN C 99 9.82 11.72 -26.68
N PHE C 100 9.91 10.87 -27.69
CA PHE C 100 11.12 10.08 -27.92
C PHE C 100 12.22 10.98 -28.45
N ILE C 101 11.89 11.83 -29.41
CA ILE C 101 12.87 12.74 -29.98
C ILE C 101 13.32 13.71 -28.91
N SER C 102 12.38 14.14 -28.08
CA SER C 102 12.65 15.09 -27.03
C SER C 102 13.52 14.56 -25.89
N SER C 103 13.14 13.43 -25.31
CA SER C 103 13.88 12.86 -24.19
C SER C 103 15.02 11.90 -24.53
N GLU C 104 14.97 11.28 -25.70
CA GLU C 104 16.00 10.32 -26.08
C GLU C 104 17.01 10.79 -27.11
N LEU C 105 16.69 11.85 -27.84
CA LEU C 105 17.62 12.35 -28.84
C LEU C 105 18.05 13.78 -28.48
N HIS C 106 17.07 14.68 -28.47
CA HIS C 106 17.30 16.09 -28.16
C HIS C 106 18.11 16.31 -26.88
N LYS C 107 17.69 15.69 -25.78
CA LYS C 107 18.40 15.85 -24.51
C LYS C 107 19.82 15.26 -24.51
N SER C 108 20.07 14.29 -25.36
CA SER C 108 21.40 13.69 -25.40
C SER C 108 22.35 14.57 -26.20
N PHE C 109 21.79 15.43 -27.04
CA PHE C 109 22.60 16.34 -27.85
C PHE C 109 23.12 17.51 -27.02
N SER C 110 22.25 18.14 -26.23
CA SER C 110 22.61 19.29 -25.42
C SER C 110 23.99 19.24 -24.73
N PRO C 111 24.29 18.15 -24.00
CA PRO C 111 25.60 18.10 -23.34
C PRO C 111 26.76 18.20 -24.35
N LEU C 112 26.52 17.76 -25.57
CA LEU C 112 27.53 17.82 -26.62
C LEU C 112 27.76 19.26 -27.07
N PHE C 113 26.79 20.14 -26.77
CA PHE C 113 26.87 21.55 -27.16
C PHE C 113 27.34 22.44 -26.01
N ASN C 114 27.37 21.88 -24.80
CA ASN C 114 27.81 22.64 -23.64
C ASN C 114 29.28 22.32 -23.34
N PRO C 115 30.13 23.37 -23.31
CA PRO C 115 31.57 23.28 -23.04
C PRO C 115 31.97 22.66 -21.70
N ALA C 116 31.27 23.01 -20.63
CA ALA C 116 31.56 22.50 -19.29
C ALA C 116 31.30 21.00 -19.09
N SER C 117 30.76 20.34 -20.11
CA SER C 117 30.47 18.91 -20.01
C SER C 117 31.74 18.07 -20.03
N SER C 118 31.98 17.35 -18.93
CA SER C 118 33.17 16.50 -18.83
C SER C 118 33.24 15.59 -20.04
N ASP C 119 34.44 15.32 -20.55
CA ASP C 119 34.60 14.46 -21.71
C ASP C 119 33.84 13.14 -21.58
N GLU C 120 33.94 12.50 -20.42
CA GLU C 120 33.25 11.24 -20.18
C GLU C 120 31.74 11.45 -20.37
N TRP C 121 31.25 12.57 -19.85
CA TRP C 121 29.83 12.93 -19.96
C TRP C 121 29.41 12.87 -21.42
N LYS C 122 30.20 13.53 -22.28
CA LYS C 122 29.96 13.59 -23.72
C LYS C 122 30.14 12.25 -24.38
N ASN C 123 31.08 11.46 -23.87
CA ASN C 123 31.32 10.15 -24.44
C ASN C 123 30.17 9.21 -24.17
N ALA C 124 29.56 9.34 -23.00
CA ALA C 124 28.43 8.49 -22.62
C ALA C 124 27.20 8.89 -23.44
N VAL C 125 27.16 10.18 -23.77
CA VAL C 125 26.08 10.76 -24.57
C VAL C 125 26.15 10.26 -26.01
N ARG C 126 27.36 10.16 -26.54
CA ARG C 126 27.58 9.69 -27.89
C ARG C 126 27.20 8.21 -28.05
N GLN C 127 27.41 7.43 -27.01
CA GLN C 127 27.07 6.01 -27.05
C GLN C 127 25.55 5.86 -27.14
N SER C 128 24.84 6.56 -26.26
CA SER C 128 23.38 6.53 -26.21
C SER C 128 22.78 6.98 -27.53
N LEU C 129 23.24 8.13 -28.05
CA LEU C 129 22.73 8.63 -29.31
C LEU C 129 22.99 7.64 -30.43
N ASN C 130 24.00 6.79 -30.25
CA ASN C 130 24.32 5.80 -31.27
C ASN C 130 23.27 4.71 -31.30
N THR C 131 22.82 4.31 -30.11
CA THR C 131 21.79 3.28 -30.00
C THR C 131 20.43 3.79 -30.42
N ARG C 132 20.11 5.01 -29.98
CA ARG C 132 18.82 5.64 -30.31
C ARG C 132 18.73 5.93 -31.81
N LEU C 133 19.79 6.49 -32.37
CA LEU C 133 19.82 6.81 -33.79
C LEU C 133 19.65 5.58 -34.66
N GLY C 134 20.23 4.45 -34.21
CA GLY C 134 20.08 3.22 -34.96
C GLY C 134 18.63 2.80 -34.99
N GLN C 135 17.97 2.90 -33.84
CA GLN C 135 16.56 2.55 -33.70
C GLN C 135 15.67 3.36 -34.67
N VAL C 136 16.00 4.64 -34.82
CA VAL C 136 15.25 5.54 -35.72
C VAL C 136 15.57 5.19 -37.16
N ALA C 137 16.85 5.00 -37.44
CA ALA C 137 17.28 4.65 -38.79
C ALA C 137 16.52 3.41 -39.25
N ARG C 138 16.43 2.40 -38.39
CA ARG C 138 15.72 1.17 -38.75
C ARG C 138 14.24 1.43 -38.92
N GLN C 139 13.72 2.42 -38.20
CA GLN C 139 12.31 2.79 -38.29
C GLN C 139 12.04 3.52 -39.63
N LEU C 140 13.05 4.19 -40.17
CA LEU C 140 12.89 4.93 -41.42
C LEU C 140 13.37 4.20 -42.68
N GLU C 141 13.73 2.93 -42.55
CA GLU C 141 14.19 2.15 -43.70
C GLU C 141 13.03 1.65 -44.54
N HIS C 142 12.03 1.14 -43.83
CA HIS C 142 10.84 0.56 -44.42
C HIS C 142 9.72 1.55 -44.71
N ALA C 143 9.84 2.77 -44.17
CA ALA C 143 8.84 3.80 -44.38
C ALA C 143 9.55 5.15 -44.50
N PRO C 144 8.96 6.10 -45.24
CA PRO C 144 9.59 7.42 -45.41
C PRO C 144 9.53 8.29 -44.16
N TYR C 145 8.42 8.19 -43.43
CA TYR C 145 8.21 8.98 -42.22
C TYR C 145 7.98 8.12 -40.97
N LEU C 146 8.18 8.75 -39.81
CA LEU C 146 8.03 8.09 -38.51
C LEU C 146 6.74 7.32 -38.36
N LEU C 147 5.63 7.95 -38.71
CA LEU C 147 4.34 7.30 -38.60
C LEU C 147 3.92 6.59 -39.87
N GLY C 148 4.83 6.46 -40.83
CA GLY C 148 4.50 5.77 -42.06
C GLY C 148 4.63 6.59 -43.32
N ASP C 149 3.56 6.63 -44.11
CA ASP C 149 3.59 7.37 -45.37
C ASP C 149 3.28 8.85 -45.23
N GLN C 150 2.67 9.24 -44.11
CA GLN C 150 2.30 10.62 -43.86
C GLN C 150 3.26 11.36 -42.93
N LEU C 151 3.79 12.49 -43.42
CA LEU C 151 4.72 13.30 -42.63
C LEU C 151 3.95 13.92 -41.48
N SER C 152 4.60 14.04 -40.33
CA SER C 152 3.98 14.62 -39.16
C SER C 152 4.96 15.62 -38.57
N VAL C 153 4.50 16.32 -37.53
CA VAL C 153 5.36 17.30 -36.85
C VAL C 153 6.52 16.58 -36.16
N ALA C 154 6.38 15.28 -35.92
CA ALA C 154 7.44 14.49 -35.28
C ALA C 154 8.62 14.44 -36.25
N ASP C 155 8.31 14.26 -37.54
CA ASP C 155 9.33 14.20 -38.61
C ASP C 155 10.08 15.52 -38.67
N ILE C 156 9.35 16.62 -38.52
CA ILE C 156 9.97 17.95 -38.55
C ILE C 156 10.86 18.08 -37.33
N TYR C 157 10.38 17.57 -36.22
CA TYR C 157 11.12 17.61 -34.97
C TYR C 157 12.41 16.84 -35.15
N LEU C 158 12.31 15.64 -35.71
CA LEU C 158 13.47 14.78 -35.94
C LEU C 158 14.45 15.39 -36.93
N PHE C 159 13.92 15.99 -38.00
CA PHE C 159 14.73 16.62 -39.04
C PHE C 159 15.67 17.65 -38.40
N VAL C 160 15.07 18.48 -37.55
CA VAL C 160 15.81 19.53 -36.83
C VAL C 160 16.90 18.91 -35.95
N VAL C 161 16.55 17.87 -35.20
CA VAL C 161 17.51 17.21 -34.33
C VAL C 161 18.66 16.65 -35.16
N LEU C 162 18.33 15.88 -36.18
CA LEU C 162 19.36 15.28 -37.02
C LEU C 162 20.30 16.35 -37.58
N GLY C 163 19.75 17.54 -37.82
CA GLY C 163 20.55 18.64 -38.34
C GLY C 163 21.75 19.02 -37.50
N TRP C 164 21.66 18.79 -36.18
CA TRP C 164 22.74 19.13 -35.25
C TRP C 164 23.97 18.22 -35.34
N SER C 165 23.78 16.98 -35.75
CA SER C 165 24.88 16.02 -35.84
C SER C 165 26.14 16.51 -36.55
N ALA C 166 25.97 17.25 -37.64
CA ALA C 166 27.12 17.78 -38.37
C ALA C 166 28.06 18.56 -37.43
N TYR C 167 27.46 19.41 -36.60
CA TYR C 167 28.20 20.23 -35.66
C TYR C 167 28.93 19.42 -34.59
N VAL C 168 28.19 18.62 -33.83
CA VAL C 168 28.79 17.79 -32.79
C VAL C 168 29.37 16.53 -33.44
N ASN C 169 29.78 16.67 -34.70
CA ASN C 169 30.36 15.60 -35.49
C ASN C 169 29.92 14.19 -35.16
N ILE C 170 28.62 13.97 -35.19
CA ILE C 170 28.06 12.65 -34.96
C ILE C 170 27.81 12.22 -36.38
N ASP C 171 28.57 11.23 -36.85
CA ASP C 171 28.45 10.75 -38.22
C ASP C 171 27.20 9.91 -38.49
N LEU C 172 26.48 10.24 -39.57
CA LEU C 172 25.28 9.50 -39.93
C LEU C 172 25.53 8.57 -41.10
N SER C 173 26.81 8.39 -41.42
CA SER C 173 27.21 7.51 -42.51
C SER C 173 26.67 6.09 -42.28
N PRO C 174 26.73 5.60 -41.03
CA PRO C 174 26.25 4.25 -40.71
C PRO C 174 24.73 4.13 -40.88
N TRP C 175 24.07 5.26 -41.02
CA TRP C 175 22.62 5.28 -41.15
C TRP C 175 22.16 6.02 -42.38
N PRO C 176 22.42 5.45 -43.56
CA PRO C 176 22.00 6.08 -44.81
C PRO C 176 20.50 6.40 -44.83
N SER C 177 19.69 5.61 -44.12
CA SER C 177 18.24 5.83 -44.08
C SER C 177 17.91 7.18 -43.43
N LEU C 178 18.78 7.65 -42.56
CA LEU C 178 18.57 8.93 -41.90
C LEU C 178 18.95 10.06 -42.87
N GLN C 179 19.94 9.79 -43.72
CA GLN C 179 20.40 10.74 -44.73
C GLN C 179 19.28 10.91 -45.76
N ALA C 180 18.64 9.80 -46.10
CA ALA C 180 17.54 9.80 -47.04
C ALA C 180 16.36 10.53 -46.40
N PHE C 181 16.20 10.39 -45.08
CA PHE C 181 15.12 11.07 -44.37
C PHE C 181 15.35 12.58 -44.46
N GLN C 182 16.58 13.02 -44.18
CA GLN C 182 16.92 14.44 -44.24
C GLN C 182 16.70 15.00 -45.63
N GLY C 183 17.08 14.23 -46.65
CA GLY C 183 16.89 14.69 -48.01
C GLY C 183 15.41 14.80 -48.33
N ARG C 184 14.64 13.81 -47.86
CA ARG C 184 13.21 13.78 -48.09
C ARG C 184 12.45 14.90 -47.38
N VAL C 185 12.86 15.25 -46.15
CA VAL C 185 12.17 16.32 -45.42
C VAL C 185 12.72 17.71 -45.76
N GLY C 186 14.04 17.83 -45.87
CA GLY C 186 14.63 19.11 -46.21
C GLY C 186 14.18 19.63 -47.57
N GLY C 187 13.66 18.73 -48.39
CA GLY C 187 13.21 19.13 -49.72
C GLY C 187 11.93 19.93 -49.73
N ARG C 188 11.28 20.03 -48.58
CA ARG C 188 10.03 20.78 -48.50
C ARG C 188 10.26 22.30 -48.49
N GLU C 189 9.39 23.03 -49.20
CA GLU C 189 9.52 24.49 -49.27
C GLU C 189 9.51 25.17 -47.91
N ALA C 190 8.61 24.77 -47.03
CA ALA C 190 8.53 25.36 -45.68
C ALA C 190 9.86 25.21 -44.94
N VAL C 191 10.50 24.06 -45.15
CA VAL C 191 11.79 23.76 -44.52
C VAL C 191 12.84 24.72 -45.04
N GLN C 192 13.03 24.78 -46.36
CA GLN C 192 14.04 25.65 -46.95
C GLN C 192 13.77 27.11 -46.59
N SER C 193 12.49 27.45 -46.45
CA SER C 193 12.10 28.81 -46.10
C SER C 193 12.50 29.13 -44.69
N ALA C 194 12.34 28.17 -43.79
CA ALA C 194 12.70 28.39 -42.40
C ALA C 194 14.21 28.44 -42.28
N LEU C 195 14.89 27.67 -43.13
CA LEU C 195 16.34 27.67 -43.09
C LEU C 195 16.83 29.06 -43.48
N ARG C 196 16.38 29.53 -44.64
CA ARG C 196 16.76 30.86 -45.11
C ARG C 196 16.36 31.93 -44.10
N ALA C 197 15.17 31.79 -43.53
CA ALA C 197 14.68 32.76 -42.56
C ALA C 197 15.51 32.86 -41.29
N GLU C 198 16.06 31.74 -40.81
CA GLU C 198 16.89 31.76 -39.60
C GLU C 198 18.34 32.11 -39.92
N GLY C 199 18.59 32.39 -41.18
CA GLY C 199 19.93 32.76 -41.62
C GLY C 199 20.87 31.57 -41.58
N LEU C 200 20.33 30.40 -41.87
CA LEU C 200 21.11 29.16 -41.87
C LEU C 200 21.67 28.88 -43.27
N ILE C 201 20.85 29.00 -44.30
CA ILE C 201 21.32 28.79 -45.66
C ILE C 201 21.24 30.13 -46.39
N LYS C 202 22.37 30.57 -46.94
CA LYS C 202 22.48 31.85 -47.63
C LYS C 202 22.34 32.94 -46.58
N MET D 1 -5.64 -5.09 -21.32
CA MET D 1 -4.31 -4.43 -21.55
C MET D 1 -3.26 -4.91 -20.58
N LYS D 2 -2.00 -4.82 -21.00
CA LYS D 2 -0.86 -5.20 -20.16
C LYS D 2 0.02 -3.97 -19.97
N LEU D 3 0.69 -3.87 -18.82
CA LEU D 3 1.59 -2.76 -18.55
C LEU D 3 2.95 -3.33 -18.18
N TYR D 4 3.95 -3.06 -19.02
CA TYR D 4 5.29 -3.54 -18.72
C TYR D 4 5.88 -2.53 -17.76
N TYR D 5 6.22 -3.01 -16.57
CA TYR D 5 6.76 -2.15 -15.54
C TYR D 5 7.93 -2.77 -14.79
N SER D 6 8.45 -2.02 -13.83
CA SER D 6 9.54 -2.41 -12.95
C SER D 6 9.20 -1.68 -11.66
N PRO D 7 9.14 -2.39 -10.53
CA PRO D 7 8.80 -1.76 -9.26
C PRO D 7 9.43 -0.39 -8.99
N GLY D 8 8.57 0.62 -8.80
CA GLY D 8 9.05 1.95 -8.52
C GLY D 8 9.56 2.82 -9.65
N ALA D 9 9.72 2.27 -10.85
CA ALA D 9 10.19 3.05 -11.99
C ALA D 9 9.08 4.02 -12.46
N CYS D 10 9.34 4.76 -13.53
CA CYS D 10 8.36 5.72 -14.05
C CYS D 10 7.07 5.05 -14.55
N SER D 11 7.13 3.73 -14.73
CA SER D 11 5.97 2.98 -15.20
C SER D 11 4.87 3.06 -14.14
N LEU D 12 5.24 3.57 -12.96
CA LEU D 12 4.30 3.72 -11.86
C LEU D 12 3.28 4.81 -12.17
N SER D 13 3.67 5.79 -12.98
CA SER D 13 2.74 6.88 -13.35
C SER D 13 1.59 6.23 -14.11
N PRO D 14 1.89 5.47 -15.20
CA PRO D 14 0.84 4.81 -15.97
C PRO D 14 0.04 3.84 -15.10
N HIS D 15 0.73 3.17 -14.18
CA HIS D 15 0.07 2.24 -13.28
C HIS D 15 -1.03 2.97 -12.50
N ILE D 16 -0.67 4.09 -11.88
CA ILE D 16 -1.62 4.92 -11.12
C ILE D 16 -2.68 5.52 -12.05
N ALA D 17 -2.26 5.88 -13.27
CA ALA D 17 -3.17 6.47 -14.24
C ALA D 17 -4.34 5.54 -14.57
N LEU D 18 -4.04 4.26 -14.76
CA LEU D 18 -5.04 3.25 -15.07
C LEU D 18 -6.01 3.02 -13.91
N ARG D 19 -5.49 3.05 -12.69
CA ARG D 19 -6.32 2.85 -11.50
C ARG D 19 -7.22 4.05 -11.29
N GLU D 20 -6.64 5.23 -11.41
CA GLU D 20 -7.40 6.46 -11.26
C GLU D 20 -8.49 6.50 -12.32
N ALA D 21 -8.18 5.91 -13.48
CA ALA D 21 -9.13 5.85 -14.60
C ALA D 21 -10.19 4.79 -14.33
N GLY D 22 -9.87 3.84 -13.46
CA GLY D 22 -10.78 2.77 -13.14
C GLY D 22 -10.67 1.60 -14.10
N LEU D 23 -9.66 1.65 -14.98
CA LEU D 23 -9.46 0.60 -15.96
C LEU D 23 -8.61 -0.55 -15.40
N ASN D 24 -9.06 -1.78 -15.62
CA ASN D 24 -8.31 -2.94 -15.14
C ASN D 24 -7.25 -3.34 -16.15
N PHE D 25 -6.21 -4.00 -15.68
CA PHE D 25 -5.13 -4.37 -16.55
C PHE D 25 -4.26 -5.43 -15.90
N GLU D 26 -3.26 -5.88 -16.66
CA GLU D 26 -2.32 -6.88 -16.19
C GLU D 26 -0.90 -6.30 -16.11
N LEU D 27 -0.25 -6.56 -15.00
CA LEU D 27 1.10 -6.10 -14.80
C LEU D 27 2.01 -7.16 -15.34
N VAL D 28 3.05 -6.74 -16.05
CA VAL D 28 4.02 -7.66 -16.61
C VAL D 28 5.37 -7.04 -16.26
N GLN D 29 6.03 -7.58 -15.25
CA GLN D 29 7.31 -7.05 -14.81
C GLN D 29 8.38 -7.32 -15.85
N VAL D 30 9.29 -6.36 -16.01
CA VAL D 30 10.37 -6.48 -16.97
C VAL D 30 11.71 -6.43 -16.26
N ASP D 31 12.54 -7.43 -16.51
CA ASP D 31 13.86 -7.46 -15.90
C ASP D 31 14.65 -6.50 -16.78
N LEU D 32 14.94 -5.32 -16.23
CA LEU D 32 15.64 -4.28 -16.96
C LEU D 32 17.10 -4.60 -17.25
N ALA D 33 17.63 -5.58 -16.53
CA ALA D 33 19.01 -6.00 -16.71
C ALA D 33 19.12 -6.92 -17.92
N SER D 34 18.45 -8.06 -17.87
CA SER D 34 18.50 -9.02 -18.97
C SER D 34 17.53 -8.67 -20.09
N LYS D 35 16.78 -7.58 -19.93
CA LYS D 35 15.83 -7.13 -20.93
C LYS D 35 14.90 -8.28 -21.29
N LYS D 36 14.24 -8.83 -20.28
CA LYS D 36 13.31 -9.92 -20.50
C LYS D 36 12.08 -9.77 -19.62
N THR D 37 10.93 -10.06 -20.21
CA THR D 37 9.66 -9.98 -19.53
C THR D 37 9.57 -11.12 -18.54
N ALA D 38 8.51 -11.13 -17.73
CA ALA D 38 8.30 -12.18 -16.75
C ALA D 38 8.22 -13.56 -17.40
N SER D 39 7.57 -13.65 -18.55
CA SER D 39 7.44 -14.94 -19.22
C SER D 39 8.79 -15.42 -19.74
N GLY D 40 9.76 -14.51 -19.79
CA GLY D 40 11.09 -14.86 -20.26
C GLY D 40 11.34 -14.37 -21.68
N GLN D 41 10.38 -13.62 -22.21
CA GLN D 41 10.51 -13.08 -23.56
C GLN D 41 11.54 -11.95 -23.64
N ASP D 42 12.03 -11.71 -24.84
CA ASP D 42 12.99 -10.63 -25.05
C ASP D 42 12.23 -9.31 -25.20
N TYR D 43 12.30 -8.50 -24.15
CA TYR D 43 11.61 -7.21 -24.11
C TYR D 43 11.94 -6.30 -25.29
N LEU D 44 13.18 -6.32 -25.74
CA LEU D 44 13.60 -5.50 -26.87
C LEU D 44 12.69 -5.77 -28.07
N GLU D 45 11.96 -6.88 -28.00
CA GLU D 45 11.03 -7.23 -29.05
C GLU D 45 9.85 -6.27 -28.92
N VAL D 46 9.40 -6.07 -27.67
CA VAL D 46 8.28 -5.17 -27.39
C VAL D 46 8.76 -3.71 -27.52
N ASN D 47 9.86 -3.37 -26.86
CA ASN D 47 10.41 -2.02 -26.95
C ASN D 47 11.90 -2.12 -27.20
N PRO D 48 12.35 -1.88 -28.44
CA PRO D 48 13.79 -1.97 -28.73
C PRO D 48 14.60 -0.98 -27.90
N ALA D 49 13.94 0.05 -27.40
CA ALA D 49 14.58 1.06 -26.58
C ALA D 49 15.03 0.39 -25.26
N GLY D 50 14.37 -0.70 -24.92
CA GLY D 50 14.73 -1.45 -23.72
C GLY D 50 14.36 -0.88 -22.36
N TYR D 51 13.40 0.05 -22.31
CA TYR D 51 12.99 0.62 -21.05
C TYR D 51 11.48 0.58 -20.87
N VAL D 52 11.02 0.82 -19.65
CA VAL D 52 9.61 0.84 -19.33
C VAL D 52 9.18 2.29 -19.13
N PRO D 53 7.89 2.59 -19.19
CA PRO D 53 6.78 1.65 -19.40
C PRO D 53 6.44 1.40 -20.87
N CYS D 54 5.50 0.50 -21.08
CA CYS D 54 4.98 0.17 -22.40
C CYS D 54 3.57 -0.35 -22.17
N LEU D 55 2.58 0.27 -22.79
CA LEU D 55 1.21 -0.18 -22.64
C LEU D 55 0.76 -0.93 -23.89
N GLN D 56 0.41 -2.20 -23.70
CA GLN D 56 -0.06 -3.08 -24.75
C GLN D 56 -1.57 -3.20 -24.69
N LEU D 57 -2.24 -2.74 -25.74
CA LEU D 57 -3.69 -2.79 -25.79
C LEU D 57 -4.21 -4.20 -25.89
N ASP D 58 -5.52 -4.32 -25.77
CA ASP D 58 -6.20 -5.60 -25.86
C ASP D 58 -6.01 -6.10 -27.29
N ASP D 59 -5.77 -5.15 -28.19
CA ASP D 59 -5.55 -5.38 -29.61
C ASP D 59 -4.28 -6.18 -29.88
N GLY D 60 -3.21 -5.76 -29.21
CA GLY D 60 -1.92 -6.38 -29.39
C GLY D 60 -1.00 -5.21 -29.66
N ARG D 61 -1.62 -4.05 -29.91
CA ARG D 61 -0.89 -2.82 -30.16
C ARG D 61 -0.16 -2.39 -28.90
N THR D 62 1.00 -1.78 -29.08
CA THR D 62 1.78 -1.30 -27.96
C THR D 62 2.01 0.21 -28.07
N LEU D 63 2.30 0.83 -26.94
CA LEU D 63 2.53 2.25 -26.94
C LEU D 63 3.59 2.53 -25.89
N THR D 64 4.61 3.30 -26.24
CA THR D 64 5.65 3.63 -25.28
C THR D 64 5.64 5.13 -25.02
N GLU D 65 6.49 5.53 -24.07
CA GLU D 65 6.65 6.90 -23.61
C GLU D 65 5.53 7.26 -22.64
N GLY D 66 5.93 7.48 -21.38
CA GLY D 66 4.98 7.82 -20.32
C GLY D 66 3.94 8.84 -20.71
N PRO D 67 4.33 10.05 -21.15
CA PRO D 67 3.39 11.11 -21.54
C PRO D 67 2.35 10.71 -22.61
N ALA D 68 2.67 9.73 -23.44
CA ALA D 68 1.74 9.26 -24.48
C ALA D 68 0.78 8.25 -23.86
N ILE D 69 1.35 7.30 -23.13
CA ILE D 69 0.55 6.27 -22.47
C ILE D 69 -0.49 6.88 -21.52
N VAL D 70 -0.13 7.96 -20.82
CA VAL D 70 -1.09 8.57 -19.88
C VAL D 70 -2.16 9.40 -20.56
N GLN D 71 -1.89 9.92 -21.75
CA GLN D 71 -2.91 10.67 -22.47
C GLN D 71 -3.89 9.68 -23.09
N TYR D 72 -3.39 8.51 -23.48
CA TYR D 72 -4.24 7.47 -24.03
C TYR D 72 -5.19 7.04 -22.91
N VAL D 73 -4.61 6.68 -21.77
CA VAL D 73 -5.39 6.25 -20.62
C VAL D 73 -6.44 7.28 -20.15
N ALA D 74 -6.04 8.54 -20.05
CA ALA D 74 -6.93 9.62 -19.62
C ALA D 74 -8.12 9.78 -20.56
N ASP D 75 -7.86 9.71 -21.85
CA ASP D 75 -8.90 9.85 -22.86
C ASP D 75 -9.92 8.72 -22.88
N GLN D 76 -9.55 7.59 -22.27
CA GLN D 76 -10.43 6.42 -22.22
C GLN D 76 -11.60 6.64 -21.27
N VAL D 77 -11.38 7.46 -20.25
CA VAL D 77 -12.41 7.77 -19.27
C VAL D 77 -12.53 9.28 -19.08
N PRO D 78 -13.17 9.97 -20.05
CA PRO D 78 -13.31 11.42 -19.93
C PRO D 78 -13.97 11.79 -18.60
N GLY D 79 -14.84 10.91 -18.12
CA GLY D 79 -15.52 11.17 -16.87
C GLY D 79 -14.56 11.50 -15.73
N LYS D 80 -13.49 10.72 -15.62
CA LYS D 80 -12.49 10.92 -14.57
C LYS D 80 -11.74 12.25 -14.69
N GLN D 81 -11.80 12.87 -15.86
CA GLN D 81 -11.14 14.15 -16.12
C GLN D 81 -9.67 14.15 -15.72
N LEU D 82 -8.95 13.13 -16.18
CA LEU D 82 -7.53 12.99 -15.87
C LEU D 82 -6.66 13.77 -16.85
N ALA D 83 -7.30 14.43 -17.81
CA ALA D 83 -6.60 15.22 -18.80
C ALA D 83 -7.66 16.10 -19.47
N PRO D 84 -7.35 17.40 -19.72
CA PRO D 84 -8.34 18.28 -20.36
C PRO D 84 -8.71 17.71 -21.73
N ALA D 85 -9.91 18.04 -22.20
CA ALA D 85 -10.40 17.55 -23.50
C ALA D 85 -9.45 17.90 -24.63
N ASN D 86 -9.32 17.01 -25.62
CA ASN D 86 -8.45 17.28 -26.76
C ASN D 86 -9.07 18.42 -27.54
N GLY D 87 -8.24 19.33 -28.00
CA GLY D 87 -8.75 20.46 -28.75
C GLY D 87 -8.85 21.70 -27.87
N SER D 88 -8.73 21.52 -26.56
CA SER D 88 -8.79 22.64 -25.62
C SER D 88 -7.38 23.10 -25.27
N PHE D 89 -7.20 24.40 -25.12
CA PHE D 89 -5.89 24.97 -24.82
C PHE D 89 -5.24 24.30 -23.60
N GLU D 90 -6.06 23.94 -22.62
CA GLU D 90 -5.56 23.30 -21.42
C GLU D 90 -5.02 21.90 -21.69
N ARG D 91 -5.42 21.32 -22.82
CA ARG D 91 -4.94 20.00 -23.15
C ARG D 91 -3.49 20.16 -23.60
N TYR D 92 -3.22 21.22 -24.36
CA TYR D 92 -1.85 21.49 -24.81
C TYR D 92 -1.01 21.87 -23.62
N HIS D 93 -1.63 22.51 -22.63
CA HIS D 93 -0.97 22.94 -21.40
C HIS D 93 -0.53 21.69 -20.64
N LEU D 94 -1.41 20.68 -20.62
CA LEU D 94 -1.09 19.40 -19.97
C LEU D 94 0.15 18.80 -20.65
N GLN D 95 0.13 18.73 -21.98
CA GLN D 95 1.24 18.19 -22.78
C GLN D 95 2.56 18.92 -22.54
N GLN D 96 2.46 20.21 -22.23
CA GLN D 96 3.61 21.06 -21.93
C GLN D 96 4.23 20.57 -20.62
N TRP D 97 3.37 20.33 -19.63
CA TRP D 97 3.80 19.85 -18.32
C TRP D 97 4.33 18.42 -18.40
N LEU D 98 3.65 17.58 -19.17
CA LEU D 98 4.07 16.18 -19.33
C LEU D 98 5.48 16.13 -19.95
N ASN D 99 5.76 17.01 -20.90
CA ASN D 99 7.06 17.05 -21.57
C ASN D 99 8.13 17.65 -20.63
N PHE D 100 7.73 18.61 -19.81
CA PHE D 100 8.65 19.25 -18.85
C PHE D 100 9.15 18.19 -17.87
N ILE D 101 8.19 17.52 -17.22
CA ILE D 101 8.50 16.46 -16.26
C ILE D 101 9.40 15.41 -16.91
N SER D 102 9.07 15.07 -18.14
CA SER D 102 9.85 14.07 -18.88
C SER D 102 11.29 14.51 -19.17
N SER D 103 11.45 15.53 -19.99
CA SER D 103 12.78 16.00 -20.36
C SER D 103 13.59 16.78 -19.31
N GLU D 104 12.91 17.58 -18.49
CA GLU D 104 13.58 18.43 -17.50
C GLU D 104 13.64 17.94 -16.04
N LEU D 105 12.98 16.83 -15.74
CA LEU D 105 13.01 16.29 -14.38
C LEU D 105 13.37 14.82 -14.46
N HIS D 106 12.45 14.02 -14.99
CA HIS D 106 12.67 12.59 -15.14
C HIS D 106 14.09 12.33 -15.67
N LYS D 107 14.41 12.83 -16.87
CA LYS D 107 15.72 12.59 -17.46
C LYS D 107 16.93 13.10 -16.70
N SER D 108 16.70 14.01 -15.75
CA SER D 108 17.80 14.53 -14.96
C SER D 108 18.05 13.63 -13.75
N PHE D 109 17.00 12.94 -13.30
CA PHE D 109 17.11 12.02 -12.18
C PHE D 109 17.88 10.77 -12.62
N SER D 110 17.76 10.44 -13.89
CA SER D 110 18.41 9.25 -14.44
C SER D 110 19.90 9.13 -14.13
N PRO D 111 20.69 10.19 -14.37
CA PRO D 111 22.13 10.14 -14.09
C PRO D 111 22.45 9.88 -12.61
N LEU D 112 21.49 10.21 -11.74
CA LEU D 112 21.65 10.02 -10.31
C LEU D 112 21.47 8.56 -9.88
N PHE D 113 20.83 7.76 -10.74
CA PHE D 113 20.63 6.35 -10.43
C PHE D 113 21.73 5.50 -11.05
N ASN D 114 22.58 6.10 -11.87
CA ASN D 114 23.67 5.38 -12.51
C ASN D 114 25.02 5.74 -11.89
N PRO D 115 25.68 4.77 -11.24
CA PRO D 115 26.98 4.97 -10.58
C PRO D 115 28.06 5.44 -11.55
N ALA D 116 28.15 4.74 -12.68
CA ALA D 116 29.15 5.03 -13.73
C ALA D 116 29.22 6.50 -14.14
N SER D 117 28.18 7.27 -13.84
CA SER D 117 28.17 8.68 -14.21
C SER D 117 29.24 9.42 -13.41
N SER D 118 30.08 10.18 -14.11
CA SER D 118 31.14 10.93 -13.45
C SER D 118 30.54 11.86 -12.40
N ASP D 119 31.38 12.45 -11.57
CA ASP D 119 30.88 13.34 -10.54
C ASP D 119 30.43 14.66 -11.12
N GLU D 120 31.16 15.18 -12.10
CA GLU D 120 30.77 16.44 -12.72
C GLU D 120 29.31 16.28 -13.12
N TRP D 121 29.05 15.16 -13.77
CA TRP D 121 27.74 14.79 -14.25
C TRP D 121 26.66 14.97 -13.20
N LYS D 122 26.70 14.12 -12.18
CA LYS D 122 25.72 14.15 -11.10
C LYS D 122 25.58 15.52 -10.43
N ASN D 123 26.70 16.19 -10.21
CA ASN D 123 26.70 17.51 -9.57
C ASN D 123 25.85 18.51 -10.36
N ALA D 124 26.23 18.73 -11.61
CA ALA D 124 25.52 19.64 -12.49
C ALA D 124 24.05 19.25 -12.60
N VAL D 125 23.81 17.94 -12.60
CA VAL D 125 22.46 17.38 -12.69
C VAL D 125 21.59 17.85 -11.52
N ARG D 126 22.16 17.83 -10.32
CA ARG D 126 21.44 18.25 -9.11
C ARG D 126 21.18 19.75 -9.12
N GLN D 127 22.05 20.51 -9.77
CA GLN D 127 21.85 21.95 -9.86
C GLN D 127 20.64 22.19 -10.75
N SER D 128 20.61 21.49 -11.89
CA SER D 128 19.51 21.62 -12.85
C SER D 128 18.18 21.35 -12.15
N LEU D 129 18.15 20.29 -11.37
CA LEU D 129 16.94 19.91 -10.65
C LEU D 129 16.49 20.97 -9.66
N ASN D 130 17.44 21.54 -8.92
CA ASN D 130 17.11 22.56 -7.94
C ASN D 130 16.37 23.72 -8.59
N THR D 131 16.77 24.08 -9.81
CA THR D 131 16.15 25.17 -10.55
C THR D 131 14.76 24.78 -11.06
N ARG D 132 14.66 23.57 -11.61
CA ARG D 132 13.38 23.09 -12.13
C ARG D 132 12.42 22.79 -10.98
N LEU D 133 12.91 22.17 -9.92
CA LEU D 133 12.07 21.84 -8.77
C LEU D 133 11.48 23.10 -8.14
N GLY D 134 12.29 24.15 -8.02
CA GLY D 134 11.79 25.38 -7.46
C GLY D 134 10.73 25.94 -8.38
N GLN D 135 10.95 25.73 -9.69
CA GLN D 135 10.02 26.18 -10.70
C GLN D 135 8.67 25.46 -10.57
N VAL D 136 8.71 24.16 -10.31
CA VAL D 136 7.50 23.37 -10.14
C VAL D 136 6.90 23.68 -8.77
N ALA D 137 7.77 23.95 -7.80
CA ALA D 137 7.31 24.27 -6.45
C ALA D 137 6.50 25.56 -6.52
N ARG D 138 7.00 26.54 -7.27
CA ARG D 138 6.29 27.82 -7.43
C ARG D 138 4.89 27.58 -8.01
N GLN D 139 4.80 26.66 -8.96
CA GLN D 139 3.55 26.32 -9.62
C GLN D 139 2.48 25.80 -8.67
N LEU D 140 2.89 24.93 -7.75
CA LEU D 140 1.97 24.33 -6.79
C LEU D 140 1.96 25.07 -5.47
N GLU D 141 2.39 26.33 -5.49
CA GLU D 141 2.43 27.14 -4.29
C GLU D 141 1.07 27.77 -4.02
N HIS D 142 0.32 28.10 -5.07
CA HIS D 142 -1.00 28.68 -4.89
C HIS D 142 -2.03 27.96 -5.75
N ALA D 143 -1.72 26.71 -6.07
CA ALA D 143 -2.56 25.81 -6.84
C ALA D 143 -2.21 24.41 -6.34
N PRO D 144 -3.22 23.58 -6.05
CA PRO D 144 -2.96 22.22 -5.56
C PRO D 144 -2.33 21.28 -6.62
N TYR D 145 -2.65 21.50 -7.88
CA TYR D 145 -2.11 20.71 -8.99
C TYR D 145 -1.56 21.60 -10.09
N LEU D 146 -0.73 21.03 -10.96
CA LEU D 146 -0.11 21.78 -12.05
C LEU D 146 -1.06 22.57 -12.94
N LEU D 147 -2.27 22.05 -13.17
CA LEU D 147 -3.26 22.74 -14.02
C LEU D 147 -4.44 23.36 -13.26
N GLY D 148 -4.27 23.56 -11.95
CA GLY D 148 -5.36 24.15 -11.19
C GLY D 148 -5.86 23.27 -10.05
N ASP D 149 -7.18 23.15 -9.93
CA ASP D 149 -7.77 22.36 -8.86
C ASP D 149 -8.07 20.90 -9.23
N GLN D 150 -8.03 20.60 -10.53
CA GLN D 150 -8.30 19.24 -11.01
C GLN D 150 -7.00 18.47 -11.28
N LEU D 151 -6.89 17.31 -10.65
CA LEU D 151 -5.73 16.46 -10.82
C LEU D 151 -5.71 15.91 -12.25
N SER D 152 -4.51 15.85 -12.83
CA SER D 152 -4.35 15.35 -14.19
C SER D 152 -3.25 14.29 -14.21
N VAL D 153 -3.03 13.72 -15.40
CA VAL D 153 -1.99 12.71 -15.58
C VAL D 153 -0.60 13.32 -15.36
N ALA D 154 -0.53 14.65 -15.42
CA ALA D 154 0.72 15.38 -15.23
C ALA D 154 1.10 15.43 -13.74
N ASP D 155 0.09 15.38 -12.87
CA ASP D 155 0.35 15.41 -11.44
C ASP D 155 0.83 14.04 -11.01
N ILE D 156 0.21 13.01 -11.58
CA ILE D 156 0.53 11.62 -11.31
C ILE D 156 1.97 11.37 -11.72
N TYR D 157 2.35 11.91 -12.87
CA TYR D 157 3.72 11.76 -13.38
C TYR D 157 4.74 12.41 -12.44
N LEU D 158 4.48 13.66 -12.05
CA LEU D 158 5.37 14.41 -11.17
C LEU D 158 5.57 13.68 -9.84
N PHE D 159 4.45 13.26 -9.25
CA PHE D 159 4.43 12.55 -7.99
C PHE D 159 5.36 11.36 -8.01
N VAL D 160 5.37 10.65 -9.14
CA VAL D 160 6.21 9.48 -9.32
C VAL D 160 7.68 9.89 -9.37
N VAL D 161 7.97 10.95 -10.13
CA VAL D 161 9.33 11.44 -10.28
C VAL D 161 9.87 11.99 -8.95
N LEU D 162 9.05 12.77 -8.25
CA LEU D 162 9.47 13.33 -6.97
C LEU D 162 9.70 12.19 -5.99
N GLY D 163 9.02 11.07 -6.23
CA GLY D 163 9.16 9.92 -5.36
C GLY D 163 10.55 9.33 -5.35
N TRP D 164 11.35 9.69 -6.36
CA TRP D 164 12.72 9.22 -6.48
C TRP D 164 13.67 10.05 -5.64
N SER D 165 13.19 11.21 -5.20
CA SER D 165 13.97 12.13 -4.38
C SER D 165 14.73 11.45 -3.25
N ALA D 166 14.03 10.66 -2.45
CA ALA D 166 14.67 9.96 -1.33
C ALA D 166 15.86 9.08 -1.71
N TYR D 167 15.64 8.16 -2.65
CA TYR D 167 16.66 7.22 -3.11
C TYR D 167 17.91 7.94 -3.58
N VAL D 168 17.73 9.08 -4.24
CA VAL D 168 18.85 9.86 -4.75
C VAL D 168 19.29 10.92 -3.75
N ASN D 169 18.73 10.86 -2.55
CA ASN D 169 19.07 11.80 -1.48
C ASN D 169 18.85 13.25 -1.91
N ILE D 170 17.62 13.57 -2.28
CA ILE D 170 17.25 14.92 -2.69
C ILE D 170 16.25 15.50 -1.70
N ASP D 171 16.70 16.50 -0.94
CA ASP D 171 15.87 17.15 0.07
C ASP D 171 14.83 18.07 -0.56
N LEU D 172 13.55 17.82 -0.24
CA LEU D 172 12.44 18.60 -0.78
C LEU D 172 11.83 19.64 0.17
N SER D 173 12.41 19.79 1.35
CA SER D 173 11.92 20.78 2.31
C SER D 173 12.07 22.19 1.77
N PRO D 174 13.09 22.44 0.94
CA PRO D 174 13.26 23.78 0.39
C PRO D 174 11.99 24.18 -0.39
N TRP D 175 11.18 23.18 -0.75
CA TRP D 175 9.96 23.42 -1.49
C TRP D 175 8.77 22.80 -0.77
N PRO D 176 8.33 23.40 0.33
CA PRO D 176 7.20 22.93 1.13
C PRO D 176 6.00 22.49 0.30
N SER D 177 5.69 23.28 -0.72
CA SER D 177 4.57 23.00 -1.61
C SER D 177 4.72 21.62 -2.27
N LEU D 178 5.98 21.25 -2.54
CA LEU D 178 6.30 19.96 -3.14
C LEU D 178 6.02 18.86 -2.13
N GLN D 179 6.35 19.11 -0.88
CA GLN D 179 6.11 18.13 0.17
C GLN D 179 4.62 17.99 0.34
N ALA D 180 3.92 19.12 0.27
CA ALA D 180 2.48 19.13 0.42
C ALA D 180 1.83 18.42 -0.76
N PHE D 181 2.40 18.60 -1.95
CA PHE D 181 1.87 17.95 -3.16
C PHE D 181 2.06 16.45 -3.01
N GLN D 182 3.29 16.07 -2.66
CA GLN D 182 3.63 14.66 -2.47
C GLN D 182 2.67 13.96 -1.52
N GLY D 183 2.34 14.64 -0.42
CA GLY D 183 1.42 14.07 0.55
C GLY D 183 -0.01 14.12 0.03
N ARG D 184 -0.32 15.18 -0.70
CA ARG D 184 -1.65 15.37 -1.29
C ARG D 184 -1.98 14.29 -2.32
N VAL D 185 -1.06 14.02 -3.24
CA VAL D 185 -1.27 13.00 -4.26
C VAL D 185 -1.12 11.59 -3.67
N GLY D 186 -0.08 11.42 -2.85
CA GLY D 186 0.19 10.13 -2.22
C GLY D 186 -0.93 9.57 -1.37
N GLY D 187 -1.77 10.42 -0.82
CA GLY D 187 -2.87 9.95 0.02
C GLY D 187 -4.06 9.36 -0.72
N ARG D 188 -4.02 9.38 -2.06
CA ARG D 188 -5.13 8.87 -2.87
C ARG D 188 -5.21 7.34 -2.85
N GLU D 189 -6.42 6.80 -2.95
CA GLU D 189 -6.59 5.35 -2.91
C GLU D 189 -6.01 4.67 -4.14
N ALA D 190 -6.22 5.26 -5.32
CA ALA D 190 -5.69 4.69 -6.55
C ALA D 190 -4.16 4.67 -6.48
N VAL D 191 -3.60 5.60 -5.69
CA VAL D 191 -2.15 5.69 -5.55
C VAL D 191 -1.63 4.64 -4.58
N GLN D 192 -2.31 4.47 -3.46
CA GLN D 192 -1.88 3.47 -2.48
C GLN D 192 -2.02 2.07 -3.09
N SER D 193 -3.01 1.90 -3.96
CA SER D 193 -3.24 0.61 -4.63
C SER D 193 -2.09 0.28 -5.56
N ALA D 194 -1.66 1.29 -6.32
CA ALA D 194 -0.57 1.13 -7.26
C ALA D 194 0.65 0.64 -6.50
N LEU D 195 1.10 1.42 -5.53
CA LEU D 195 2.27 1.08 -4.69
C LEU D 195 2.12 -0.30 -4.04
N ARG D 196 0.93 -0.57 -3.52
CA ARG D 196 0.63 -1.83 -2.87
C ARG D 196 0.73 -2.94 -3.90
N ALA D 197 0.13 -2.69 -5.06
CA ALA D 197 0.14 -3.63 -6.17
C ALA D 197 1.54 -3.92 -6.66
N GLU D 198 2.45 -2.96 -6.50
CA GLU D 198 3.82 -3.14 -6.94
C GLU D 198 4.73 -3.69 -5.85
N GLY D 199 4.15 -4.02 -4.71
CA GLY D 199 4.95 -4.55 -3.62
C GLY D 199 5.54 -3.44 -2.79
N LEU D 200 5.37 -2.21 -3.25
CA LEU D 200 5.90 -1.06 -2.53
C LEU D 200 5.00 -0.81 -1.31
N ILE D 201 3.94 -1.62 -1.23
CA ILE D 201 2.91 -1.61 -0.20
C ILE D 201 2.37 -0.24 0.23
N MET E 1 11.35 38.99 25.66
CA MET E 1 11.66 37.70 26.34
C MET E 1 12.77 36.95 25.62
N LYS E 2 13.49 36.12 26.38
CA LYS E 2 14.58 35.32 25.83
C LYS E 2 14.18 33.86 25.66
N LEU E 3 14.69 33.24 24.62
CA LEU E 3 14.43 31.83 24.37
C LEU E 3 15.77 31.11 24.28
N TYR E 4 16.07 30.30 25.28
CA TYR E 4 17.31 29.54 25.25
C TYR E 4 17.05 28.40 24.28
N TYR E 5 17.89 28.27 23.27
CA TYR E 5 17.70 27.23 22.29
C TYR E 5 19.02 26.72 21.75
N SER E 6 18.88 25.85 20.76
CA SER E 6 19.97 25.22 20.03
C SER E 6 19.34 24.77 18.71
N PRO E 7 19.90 25.20 17.58
CA PRO E 7 19.39 24.85 16.25
C PRO E 7 19.05 23.37 16.02
N GLY E 8 17.86 23.13 15.47
CA GLY E 8 17.43 21.77 15.21
C GLY E 8 16.65 21.17 16.36
N ALA E 9 17.00 21.55 17.59
CA ALA E 9 16.36 21.04 18.80
C ALA E 9 14.84 21.24 18.87
N CYS E 10 14.22 20.66 19.91
CA CYS E 10 12.78 20.79 20.12
C CYS E 10 12.42 22.26 20.44
N SER E 11 13.44 23.05 20.76
CA SER E 11 13.25 24.47 21.06
C SER E 11 12.79 25.25 19.80
N LEU E 12 12.81 24.56 18.65
CA LEU E 12 12.38 25.17 17.39
C LEU E 12 10.87 25.38 17.45
N SER E 13 10.18 24.55 18.22
CA SER E 13 8.74 24.67 18.37
C SER E 13 8.36 26.04 18.96
N PRO E 14 8.82 26.36 20.19
CA PRO E 14 8.46 27.67 20.73
C PRO E 14 9.08 28.83 19.94
N HIS E 15 10.15 28.54 19.20
CA HIS E 15 10.81 29.55 18.36
C HIS E 15 9.81 29.92 17.28
N ILE E 16 9.29 28.90 16.61
CA ILE E 16 8.29 29.08 15.55
C ILE E 16 7.06 29.77 16.14
N ALA E 17 6.64 29.30 17.32
CA ALA E 17 5.48 29.87 17.98
C ALA E 17 5.65 31.35 18.30
N LEU E 18 6.88 31.76 18.60
CA LEU E 18 7.16 33.15 18.90
C LEU E 18 6.98 33.99 17.64
N ARG E 19 7.41 33.44 16.50
CA ARG E 19 7.28 34.13 15.22
C ARG E 19 5.81 34.18 14.80
N GLU E 20 5.10 33.07 15.00
CA GLU E 20 3.69 33.03 14.66
C GLU E 20 2.92 34.08 15.47
N ALA E 21 3.22 34.19 16.76
CA ALA E 21 2.54 35.15 17.62
C ALA E 21 2.99 36.60 17.35
N GLY E 22 4.20 36.78 16.84
CA GLY E 22 4.71 38.11 16.55
C GLY E 22 5.10 38.92 17.77
N LEU E 23 5.63 38.25 18.78
CA LEU E 23 6.03 38.96 20.00
C LEU E 23 7.49 39.35 19.87
N ASN E 24 7.95 40.22 20.76
CA ASN E 24 9.36 40.63 20.74
C ASN E 24 10.07 39.49 21.43
N PHE E 25 11.28 39.18 21.00
CA PHE E 25 12.03 38.10 21.63
C PHE E 25 13.47 38.13 21.15
N GLU E 26 14.32 37.37 21.84
CA GLU E 26 15.73 37.25 21.49
C GLU E 26 16.15 35.78 21.64
N LEU E 27 16.79 35.25 20.61
CA LEU E 27 17.25 33.86 20.61
C LEU E 27 18.62 33.69 21.27
N VAL E 28 18.63 33.05 22.44
CA VAL E 28 19.86 32.83 23.19
C VAL E 28 20.30 31.37 23.03
N GLN E 29 21.32 31.15 22.21
CA GLN E 29 21.81 29.80 21.99
C GLN E 29 22.57 29.21 23.19
N VAL E 30 22.39 27.91 23.39
CA VAL E 30 23.04 27.21 24.48
C VAL E 30 23.84 26.05 23.94
N ASP E 31 25.11 25.96 24.34
CA ASP E 31 25.96 24.86 23.90
C ASP E 31 25.59 23.65 24.77
N LEU E 32 24.83 22.72 24.19
CA LEU E 32 24.37 21.54 24.90
C LEU E 32 25.51 20.61 25.29
N ALA E 33 26.72 20.99 24.92
CA ALA E 33 27.91 20.21 25.25
C ALA E 33 28.43 20.73 26.57
N SER E 34 28.95 21.95 26.54
CA SER E 34 29.49 22.59 27.74
C SER E 34 28.35 23.09 28.61
N LYS E 35 27.13 23.00 28.08
CA LYS E 35 25.95 23.46 28.81
C LYS E 35 26.16 24.89 29.29
N LYS E 36 26.49 25.77 28.36
CA LYS E 36 26.70 27.18 28.68
C LYS E 36 26.01 28.07 27.67
N THR E 37 25.38 29.13 28.17
CA THR E 37 24.67 30.06 27.30
C THR E 37 25.68 30.81 26.42
N ALA E 38 25.20 31.42 25.35
CA ALA E 38 26.07 32.18 24.46
C ALA E 38 26.71 33.32 25.27
N SER E 39 26.03 33.66 26.37
CA SER E 39 26.47 34.71 27.29
C SER E 39 27.73 34.25 28.01
N GLY E 40 28.07 32.97 27.84
CA GLY E 40 29.25 32.40 28.46
C GLY E 40 28.99 31.81 29.83
N GLN E 41 27.87 32.17 30.43
CA GLN E 41 27.51 31.69 31.76
C GLN E 41 26.91 30.29 31.79
N ASP E 42 27.04 29.64 32.93
CA ASP E 42 26.53 28.29 33.13
C ASP E 42 25.01 28.16 33.06
N TYR E 43 24.55 27.54 31.97
CA TYR E 43 23.13 27.34 31.72
C TYR E 43 22.38 26.61 32.83
N LEU E 44 23.05 25.72 33.56
CA LEU E 44 22.38 24.98 34.62
C LEU E 44 21.83 25.93 35.67
N GLU E 45 22.29 27.17 35.64
CA GLU E 45 21.80 28.17 36.59
C GLU E 45 20.41 28.56 36.08
N VAL E 46 20.23 28.47 34.76
CA VAL E 46 18.96 28.79 34.10
C VAL E 46 18.04 27.57 34.21
N ASN E 47 18.47 26.43 33.70
CA ASN E 47 17.67 25.22 33.83
C ASN E 47 18.50 24.11 34.46
N PRO E 48 18.18 23.75 35.72
CA PRO E 48 18.89 22.69 36.45
C PRO E 48 18.94 21.42 35.62
N ALA E 49 17.82 21.12 34.95
CA ALA E 49 17.70 19.94 34.11
C ALA E 49 18.74 19.91 32.98
N GLY E 50 19.18 21.09 32.56
CA GLY E 50 20.19 21.18 31.52
C GLY E 50 19.71 21.23 30.06
N TYR E 51 18.43 21.01 29.81
CA TYR E 51 17.94 21.02 28.44
C TYR E 51 17.22 22.29 28.01
N VAL E 52 16.94 22.40 26.71
CA VAL E 52 16.20 23.54 26.13
C VAL E 52 14.88 22.96 25.62
N PRO E 53 13.87 23.81 25.37
CA PRO E 53 13.89 25.27 25.48
C PRO E 53 13.69 25.82 26.90
N CYS E 54 13.94 27.12 27.04
CA CYS E 54 13.71 27.84 28.28
C CYS E 54 13.34 29.27 27.88
N LEU E 55 12.21 29.77 28.37
CA LEU E 55 11.78 31.11 28.05
C LEU E 55 12.00 31.95 29.30
N GLN E 56 12.74 33.02 29.13
CA GLN E 56 13.07 33.93 30.22
C GLN E 56 12.44 35.29 29.91
N LEU E 57 11.39 35.64 30.64
CA LEU E 57 10.72 36.91 30.45
C LEU E 57 11.69 38.04 30.75
N ASP E 58 11.38 39.24 30.27
CA ASP E 58 12.24 40.40 30.52
C ASP E 58 12.41 40.66 32.02
N ASP E 59 11.44 40.21 32.81
CA ASP E 59 11.49 40.42 34.25
C ASP E 59 12.27 39.34 34.98
N GLY E 60 12.89 38.44 34.23
CA GLY E 60 13.69 37.39 34.85
C GLY E 60 13.05 36.03 35.06
N ARG E 61 11.73 35.99 35.20
CA ARG E 61 11.02 34.73 35.40
C ARG E 61 11.29 33.82 34.23
N THR E 62 11.44 32.52 34.51
CA THR E 62 11.71 31.54 33.47
C THR E 62 10.65 30.45 33.45
N LEU E 63 10.62 29.73 32.33
CA LEU E 63 9.65 28.66 32.16
C LEU E 63 10.29 27.60 31.28
N THR E 64 10.23 26.34 31.71
CA THR E 64 10.78 25.23 30.95
C THR E 64 9.62 24.37 30.47
N GLU E 65 9.93 23.37 29.63
CA GLU E 65 8.95 22.45 29.06
C GLU E 65 8.23 23.10 27.88
N GLY E 66 8.48 22.59 26.67
CA GLY E 66 7.86 23.15 25.48
C GLY E 66 6.37 23.38 25.59
N PRO E 67 5.61 22.39 26.07
CA PRO E 67 4.15 22.50 26.20
C PRO E 67 3.67 23.74 26.99
N ALA E 68 4.29 23.99 28.15
CA ALA E 68 3.94 25.16 28.96
C ALA E 68 4.37 26.47 28.27
N ILE E 69 5.58 26.46 27.70
CA ILE E 69 6.13 27.61 27.00
C ILE E 69 5.26 28.10 25.83
N VAL E 70 4.89 27.21 24.93
CA VAL E 70 4.07 27.57 23.77
C VAL E 70 2.66 28.04 24.15
N GLN E 71 2.13 27.55 25.28
CA GLN E 71 0.80 27.97 25.74
C GLN E 71 0.90 29.39 26.28
N TYR E 72 2.03 29.70 26.91
CA TYR E 72 2.27 31.05 27.43
C TYR E 72 2.34 32.03 26.25
N VAL E 73 3.17 31.69 25.28
CA VAL E 73 3.33 32.51 24.09
C VAL E 73 1.99 32.76 23.39
N ALA E 74 1.21 31.69 23.24
CA ALA E 74 -0.10 31.77 22.59
C ALA E 74 -1.09 32.64 23.36
N ASP E 75 -1.07 32.52 24.68
CA ASP E 75 -1.97 33.29 25.52
C ASP E 75 -1.70 34.79 25.45
N GLN E 76 -0.56 35.15 24.85
CA GLN E 76 -0.17 36.55 24.72
C GLN E 76 -0.87 37.22 23.54
N VAL E 77 -1.28 36.40 22.57
CA VAL E 77 -1.95 36.90 21.39
C VAL E 77 -3.19 36.03 21.14
N PRO E 78 -4.26 36.27 21.93
CA PRO E 78 -5.50 35.51 21.79
C PRO E 78 -6.18 35.71 20.45
N GLY E 79 -5.98 36.89 19.85
CA GLY E 79 -6.57 37.17 18.56
C GLY E 79 -6.12 36.22 17.48
N LYS E 80 -4.88 35.74 17.61
CA LYS E 80 -4.30 34.82 16.64
C LYS E 80 -4.74 33.38 16.80
N GLN E 81 -5.46 33.11 17.89
CA GLN E 81 -5.97 31.77 18.19
C GLN E 81 -4.97 30.63 17.98
N LEU E 82 -3.78 30.79 18.57
CA LEU E 82 -2.73 29.78 18.47
C LEU E 82 -3.00 28.68 19.50
N ALA E 83 -4.04 28.86 20.30
CA ALA E 83 -4.45 27.90 21.31
C ALA E 83 -5.89 28.24 21.69
N PRO E 84 -6.74 27.22 21.87
CA PRO E 84 -8.14 27.50 22.24
C PRO E 84 -8.19 28.28 23.54
N ALA E 85 -9.25 29.04 23.75
CA ALA E 85 -9.37 29.84 24.97
C ALA E 85 -9.34 28.99 26.24
N ASN E 86 -8.72 29.51 27.30
CA ASN E 86 -8.66 28.77 28.57
C ASN E 86 -10.10 28.64 29.08
N GLY E 87 -10.42 27.50 29.67
CA GLY E 87 -11.76 27.29 30.16
C GLY E 87 -12.58 26.47 29.17
N SER E 88 -12.25 26.60 27.89
CA SER E 88 -12.98 25.84 26.85
C SER E 88 -12.41 24.43 26.79
N PHE E 89 -13.26 23.47 26.43
CA PHE E 89 -12.85 22.08 26.33
C PHE E 89 -11.74 21.90 25.31
N GLU E 90 -11.78 22.67 24.22
CA GLU E 90 -10.76 22.55 23.19
C GLU E 90 -9.38 22.94 23.67
N ARG E 91 -9.30 23.71 24.73
CA ARG E 91 -8.00 24.09 25.28
C ARG E 91 -7.43 22.86 25.97
N TYR E 92 -8.30 22.10 26.64
CA TYR E 92 -7.85 20.89 27.33
C TYR E 92 -7.46 19.84 26.29
N HIS E 93 -8.15 19.85 25.15
CA HIS E 93 -7.85 18.92 24.07
C HIS E 93 -6.49 19.32 23.50
N LEU E 94 -6.21 20.62 23.51
CA LEU E 94 -4.92 21.14 23.04
C LEU E 94 -3.84 20.60 23.96
N GLN E 95 -4.05 20.71 25.27
CA GLN E 95 -3.10 20.23 26.26
C GLN E 95 -2.87 18.73 26.13
N GLN E 96 -3.93 18.01 25.74
CA GLN E 96 -3.90 16.57 25.54
C GLN E 96 -2.90 16.23 24.42
N TRP E 97 -3.02 16.93 23.30
CA TRP E 97 -2.12 16.71 22.17
C TRP E 97 -0.67 17.12 22.46
N LEU E 98 -0.50 18.21 23.19
CA LEU E 98 0.84 18.67 23.53
C LEU E 98 1.54 17.66 24.44
N ASN E 99 0.77 16.99 25.31
CA ASN E 99 1.36 15.99 26.22
C ASN E 99 1.67 14.72 25.44
N PHE E 100 0.83 14.39 24.48
CA PHE E 100 0.99 13.21 23.65
C PHE E 100 2.28 13.40 22.85
N ILE E 101 2.37 14.52 22.15
CA ILE E 101 3.56 14.79 21.35
C ILE E 101 4.81 14.75 22.21
N SER E 102 4.70 15.27 23.43
CA SER E 102 5.83 15.32 24.36
C SER E 102 6.25 13.97 24.90
N SER E 103 5.30 13.24 25.48
CA SER E 103 5.59 11.94 26.07
C SER E 103 5.55 10.73 25.12
N GLU E 104 4.67 10.77 24.11
CA GLU E 104 4.53 9.64 23.19
C GLU E 104 5.30 9.70 21.87
N LEU E 105 5.84 10.87 21.54
CA LEU E 105 6.60 11.03 20.30
C LEU E 105 7.98 11.60 20.60
N HIS E 106 8.02 12.81 21.15
CA HIS E 106 9.26 13.49 21.49
C HIS E 106 10.24 12.59 22.26
N LYS E 107 9.74 11.93 23.31
CA LYS E 107 10.57 11.06 24.12
C LYS E 107 10.98 9.77 23.41
N SER E 108 10.24 9.38 22.37
CA SER E 108 10.58 8.17 21.64
C SER E 108 11.76 8.42 20.73
N PHE E 109 11.76 9.54 20.03
CA PHE E 109 12.85 9.90 19.13
C PHE E 109 14.15 10.04 19.91
N SER E 110 14.05 10.50 21.15
CA SER E 110 15.20 10.72 22.01
C SER E 110 16.27 9.62 21.98
N PRO E 111 15.89 8.35 22.21
CA PRO E 111 16.91 7.28 22.19
C PRO E 111 17.56 7.11 20.81
N LEU E 112 16.86 7.54 19.76
CA LEU E 112 17.36 7.41 18.41
C LEU E 112 18.45 8.42 18.09
N PHE E 113 18.71 9.33 19.00
CA PHE E 113 19.76 10.33 18.79
C PHE E 113 20.95 10.08 19.74
N ASN E 114 20.77 9.16 20.69
CA ASN E 114 21.82 8.81 21.63
C ASN E 114 22.59 7.63 21.03
N PRO E 115 23.83 7.87 20.57
CA PRO E 115 24.64 6.81 19.96
C PRO E 115 24.92 5.64 20.90
N ALA E 116 24.84 5.90 22.20
CA ALA E 116 25.10 4.88 23.20
C ALA E 116 23.97 3.86 23.40
N SER E 117 22.83 4.10 22.77
CA SER E 117 21.69 3.22 22.91
C SER E 117 21.82 1.93 22.11
N SER E 118 21.33 0.85 22.70
CA SER E 118 21.37 -0.46 22.06
C SER E 118 20.29 -0.49 20.99
N ASP E 119 20.40 -1.43 20.06
CA ASP E 119 19.43 -1.56 18.99
C ASP E 119 18.09 -2.06 19.53
N GLU E 120 18.14 -3.09 20.37
CA GLU E 120 16.93 -3.66 20.97
C GLU E 120 16.13 -2.57 21.68
N TRP E 121 16.81 -1.47 21.99
CA TRP E 121 16.20 -0.33 22.63
C TRP E 121 15.69 0.59 21.53
N LYS E 122 16.63 1.10 20.72
CA LYS E 122 16.29 1.99 19.62
C LYS E 122 15.25 1.38 18.68
N ASN E 123 15.34 0.08 18.45
CA ASN E 123 14.39 -0.61 17.59
C ASN E 123 13.09 -0.81 18.36
N ALA E 124 13.22 -0.88 19.68
CA ALA E 124 12.05 -1.02 20.54
C ALA E 124 11.29 0.29 20.43
N VAL E 125 12.03 1.38 20.48
CA VAL E 125 11.46 2.72 20.36
C VAL E 125 10.85 2.89 18.98
N ARG E 126 11.60 2.49 17.95
CA ARG E 126 11.14 2.59 16.56
C ARG E 126 9.77 1.93 16.39
N GLN E 127 9.52 0.91 17.21
CA GLN E 127 8.25 0.18 17.19
C GLN E 127 7.08 1.08 17.62
N SER E 128 7.20 1.66 18.81
CA SER E 128 6.18 2.54 19.38
C SER E 128 5.85 3.69 18.43
N LEU E 129 6.90 4.33 17.92
CA LEU E 129 6.74 5.46 17.02
C LEU E 129 5.88 5.14 15.80
N ASN E 130 5.96 3.92 15.30
CA ASN E 130 5.17 3.54 14.12
C ASN E 130 3.70 3.44 14.52
N THR E 131 3.47 2.84 15.68
CA THR E 131 2.12 2.71 16.21
C THR E 131 1.60 4.12 16.50
N ARG E 132 2.42 4.93 17.18
CA ARG E 132 2.08 6.31 17.55
C ARG E 132 1.84 7.24 16.34
N LEU E 133 2.75 7.20 15.38
CA LEU E 133 2.64 8.00 14.17
C LEU E 133 1.38 7.64 13.39
N GLY E 134 1.05 6.36 13.40
CA GLY E 134 -0.15 5.92 12.70
C GLY E 134 -1.37 6.60 13.28
N GLN E 135 -1.44 6.68 14.61
CA GLN E 135 -2.56 7.33 15.29
C GLN E 135 -2.67 8.79 14.90
N VAL E 136 -1.54 9.51 14.93
CA VAL E 136 -1.53 10.92 14.57
C VAL E 136 -1.89 11.08 13.08
N ALA E 137 -1.33 10.19 12.25
CA ALA E 137 -1.59 10.22 10.80
C ALA E 137 -3.08 10.08 10.50
N ARG E 138 -3.77 9.22 11.24
CA ARG E 138 -5.21 9.04 11.04
C ARG E 138 -5.94 10.32 11.44
N GLN E 139 -5.39 11.01 12.43
CA GLN E 139 -5.98 12.25 12.90
C GLN E 139 -5.92 13.33 11.83
N LEU E 140 -4.77 13.43 11.17
CA LEU E 140 -4.57 14.45 10.14
C LEU E 140 -5.08 14.03 8.77
N GLU E 141 -5.79 12.92 8.70
CA GLU E 141 -6.33 12.43 7.44
C GLU E 141 -7.62 13.17 7.11
N HIS E 142 -8.47 13.35 8.11
CA HIS E 142 -9.73 14.04 7.91
C HIS E 142 -9.65 15.53 8.21
N ALA E 143 -8.61 15.96 8.91
CA ALA E 143 -8.46 17.37 9.23
C ALA E 143 -7.07 17.91 8.91
N PRO E 144 -6.98 19.22 8.58
CA PRO E 144 -5.67 19.80 8.26
C PRO E 144 -4.77 19.89 9.50
N TYR E 145 -5.36 20.17 10.65
CA TYR E 145 -4.59 20.28 11.91
C TYR E 145 -5.19 19.44 13.04
N LEU E 146 -4.38 19.15 14.05
CA LEU E 146 -4.81 18.34 15.19
C LEU E 146 -6.20 18.68 15.74
N LEU E 147 -6.47 19.96 15.92
CA LEU E 147 -7.76 20.39 16.46
C LEU E 147 -8.81 20.81 15.42
N GLY E 148 -8.50 20.61 14.14
CA GLY E 148 -9.43 20.97 13.09
C GLY E 148 -8.84 21.78 11.96
N ASP E 149 -9.43 22.94 11.68
CA ASP E 149 -8.96 23.80 10.61
C ASP E 149 -8.09 24.91 11.15
N GLN E 150 -8.09 25.06 12.47
CA GLN E 150 -7.30 26.09 13.13
C GLN E 150 -5.94 25.53 13.57
N LEU E 151 -4.86 26.16 13.09
CA LEU E 151 -3.52 25.72 13.48
C LEU E 151 -3.28 26.13 14.92
N SER E 152 -2.70 25.24 15.71
CA SER E 152 -2.43 25.52 17.12
C SER E 152 -0.96 25.24 17.41
N VAL E 153 -0.54 25.52 18.63
CA VAL E 153 0.84 25.29 19.02
C VAL E 153 1.17 23.80 19.01
N ALA E 154 0.12 22.98 19.06
CA ALA E 154 0.30 21.53 19.03
C ALA E 154 0.79 21.12 17.64
N ASP E 155 0.28 21.80 16.61
CA ASP E 155 0.66 21.51 15.24
C ASP E 155 2.12 21.94 15.03
N ILE E 156 2.48 23.07 15.63
CA ILE E 156 3.85 23.60 15.53
C ILE E 156 4.81 22.63 16.22
N TYR E 157 4.38 22.08 17.36
CA TYR E 157 5.19 21.14 18.12
C TYR E 157 5.38 19.88 17.31
N LEU E 158 4.27 19.34 16.81
CA LEU E 158 4.27 18.13 16.01
C LEU E 158 5.17 18.25 14.77
N PHE E 159 5.09 19.40 14.11
CA PHE E 159 5.88 19.70 12.92
C PHE E 159 7.39 19.59 13.20
N VAL E 160 7.81 20.09 14.35
CA VAL E 160 9.21 20.05 14.72
C VAL E 160 9.69 18.63 14.99
N VAL E 161 8.89 17.84 15.70
CA VAL E 161 9.26 16.45 16.01
C VAL E 161 9.31 15.59 14.73
N LEU E 162 8.38 15.84 13.81
CA LEU E 162 8.32 15.12 12.53
C LEU E 162 9.55 15.46 11.69
N GLY E 163 10.08 16.67 11.90
CA GLY E 163 11.25 17.11 11.18
C GLY E 163 12.48 16.24 11.41
N TRP E 164 12.55 15.62 12.58
CA TRP E 164 13.69 14.76 12.94
C TRP E 164 13.67 13.37 12.30
N SER E 165 12.56 13.01 11.68
CA SER E 165 12.43 11.69 11.07
C SER E 165 13.58 11.37 10.13
N ALA E 166 13.90 12.32 9.25
CA ALA E 166 14.99 12.14 8.31
C ALA E 166 16.28 11.71 9.01
N TYR E 167 16.77 12.58 9.90
CA TYR E 167 18.01 12.36 10.64
C TYR E 167 18.11 11.02 11.37
N VAL E 168 16.96 10.43 11.70
CA VAL E 168 16.94 9.15 12.40
C VAL E 168 16.35 8.03 11.55
N ASN E 169 16.33 8.26 10.24
CA ASN E 169 15.80 7.29 9.29
C ASN E 169 14.45 6.78 9.73
N ILE E 170 13.41 7.55 9.43
CA ILE E 170 12.05 7.18 9.76
C ILE E 170 11.20 7.65 8.60
N ASP E 171 10.95 6.74 7.68
CA ASP E 171 10.15 7.00 6.50
C ASP E 171 8.71 7.32 6.90
N LEU E 172 8.23 8.50 6.50
CA LEU E 172 6.86 8.90 6.80
C LEU E 172 5.99 8.66 5.57
N SER E 173 6.50 7.82 4.68
CA SER E 173 5.80 7.45 3.46
C SER E 173 4.50 6.71 3.80
N PRO E 174 4.54 5.79 4.77
CA PRO E 174 3.33 5.06 5.15
C PRO E 174 2.17 5.96 5.59
N TRP E 175 2.45 7.25 5.80
CA TRP E 175 1.45 8.21 6.26
C TRP E 175 1.42 9.48 5.42
N PRO E 176 0.68 9.45 4.29
CA PRO E 176 0.54 10.59 3.38
C PRO E 176 -0.02 11.84 4.07
N SER E 177 -0.89 11.63 5.05
CA SER E 177 -1.49 12.73 5.79
C SER E 177 -0.45 13.56 6.53
N LEU E 178 0.68 12.93 6.87
CA LEU E 178 1.78 13.59 7.58
C LEU E 178 2.70 14.37 6.63
N GLN E 179 3.06 13.76 5.50
CA GLN E 179 3.92 14.40 4.52
C GLN E 179 3.20 15.64 4.00
N ALA E 180 1.87 15.61 4.07
CA ALA E 180 1.03 16.71 3.63
C ALA E 180 0.95 17.76 4.75
N PHE E 181 0.91 17.27 6.00
CA PHE E 181 0.85 18.14 7.17
C PHE E 181 2.19 18.84 7.25
N GLN E 182 3.26 18.09 7.04
CA GLN E 182 4.62 18.60 7.05
C GLN E 182 4.79 19.68 6.01
N GLY E 183 4.19 19.45 4.85
CA GLY E 183 4.27 20.41 3.77
C GLY E 183 3.36 21.59 4.07
N ARG E 184 2.23 21.32 4.69
CA ARG E 184 1.25 22.35 5.02
C ARG E 184 1.76 23.37 6.05
N VAL E 185 2.36 22.86 7.12
CA VAL E 185 2.90 23.73 8.18
C VAL E 185 4.22 24.39 7.76
N GLY E 186 5.12 23.58 7.21
CA GLY E 186 6.41 24.09 6.78
C GLY E 186 6.31 25.19 5.74
N GLY E 187 5.13 25.37 5.17
CA GLY E 187 4.96 26.41 4.17
C GLY E 187 4.74 27.80 4.73
N ARG E 188 4.41 27.91 6.01
CA ARG E 188 4.16 29.20 6.65
C ARG E 188 5.45 30.02 6.77
N GLU E 189 5.36 31.31 6.48
CA GLU E 189 6.55 32.18 6.52
C GLU E 189 7.21 32.22 7.88
N ALA E 190 6.41 32.21 8.95
CA ALA E 190 6.95 32.22 10.29
C ALA E 190 7.85 30.99 10.45
N VAL E 191 7.37 29.86 9.94
CA VAL E 191 8.14 28.63 10.01
C VAL E 191 9.42 28.75 9.20
N GLN E 192 9.31 29.23 7.97
CA GLN E 192 10.48 29.38 7.12
C GLN E 192 11.49 30.34 7.73
N SER E 193 11.03 31.34 8.46
CA SER E 193 11.93 32.31 9.08
C SER E 193 12.65 31.66 10.25
N ALA E 194 11.93 30.82 10.99
CA ALA E 194 12.52 30.10 12.12
C ALA E 194 13.59 29.15 11.60
N LEU E 195 13.25 28.36 10.59
CA LEU E 195 14.20 27.44 9.99
C LEU E 195 15.41 28.23 9.52
N ARG E 196 15.15 29.38 8.90
CA ARG E 196 16.22 30.25 8.41
C ARG E 196 17.05 30.78 9.56
N ALA E 197 16.38 31.30 10.58
CA ALA E 197 17.07 31.84 11.76
C ALA E 197 17.96 30.78 12.41
N GLU E 198 17.54 29.51 12.36
CA GLU E 198 18.32 28.43 12.95
C GLU E 198 19.33 27.89 11.95
N GLY E 199 19.37 28.49 10.76
CA GLY E 199 20.28 28.05 9.72
C GLY E 199 19.88 26.70 9.17
N LEU E 200 18.71 26.21 9.58
CA LEU E 200 18.22 24.93 9.13
C LEU E 200 17.98 24.93 7.62
N ILE E 201 17.72 26.11 7.06
CA ILE E 201 17.53 26.27 5.62
C ILE E 201 18.39 27.46 5.23
N LYS E 202 19.05 27.37 4.08
CA LYS E 202 19.94 28.41 3.57
C LYS E 202 21.39 28.15 4.04
N MET F 1 -19.46 11.59 35.01
CA MET F 1 -18.10 11.34 34.45
C MET F 1 -17.62 9.94 34.76
N LYS F 2 -16.78 9.42 33.88
CA LYS F 2 -16.21 8.10 34.08
C LYS F 2 -14.70 8.24 34.01
N LEU F 3 -13.99 7.49 34.85
CA LEU F 3 -12.54 7.51 34.83
C LEU F 3 -12.07 6.12 34.48
N TYR F 4 -11.46 5.98 33.31
CA TYR F 4 -10.94 4.70 32.88
C TYR F 4 -9.59 4.59 33.55
N TYR F 5 -9.45 3.55 34.37
CA TYR F 5 -8.22 3.37 35.14
C TYR F 5 -7.82 1.89 35.29
N SER F 6 -6.71 1.71 36.00
CA SER F 6 -6.14 0.41 36.32
C SER F 6 -5.52 0.68 37.70
N PRO F 7 -5.74 -0.23 38.64
CA PRO F 7 -5.21 -0.07 40.01
C PRO F 7 -3.71 0.27 40.08
N GLY F 8 -3.40 1.36 40.79
CA GLY F 8 -2.01 1.78 40.96
C GLY F 8 -1.31 2.44 39.79
N ALA F 9 -1.96 2.53 38.62
CA ALA F 9 -1.37 3.15 37.44
C ALA F 9 -1.40 4.67 37.59
N CYS F 10 -0.93 5.38 36.57
CA CYS F 10 -0.91 6.84 36.63
C CYS F 10 -2.33 7.43 36.63
N SER F 11 -3.32 6.58 36.39
CA SER F 11 -4.71 6.99 36.40
C SER F 11 -5.14 7.32 37.84
N LEU F 12 -4.30 6.92 38.78
CA LEU F 12 -4.55 7.17 40.20
C LEU F 12 -4.45 8.67 40.47
N SER F 13 -3.67 9.38 39.65
CA SER F 13 -3.51 10.82 39.80
C SER F 13 -4.87 11.52 39.57
N PRO F 14 -5.47 11.31 38.38
CA PRO F 14 -6.76 11.94 38.11
C PRO F 14 -7.78 11.53 39.18
N HIS F 15 -7.70 10.27 39.63
CA HIS F 15 -8.59 9.74 40.65
C HIS F 15 -8.54 10.58 41.94
N ILE F 16 -7.32 10.85 42.42
CA ILE F 16 -7.14 11.65 43.63
C ILE F 16 -7.57 13.10 43.38
N ALA F 17 -7.28 13.61 42.18
CA ALA F 17 -7.64 14.97 41.83
C ALA F 17 -9.16 15.11 41.88
N LEU F 18 -9.85 14.09 41.36
CA LEU F 18 -11.30 14.08 41.36
C LEU F 18 -11.83 14.16 42.81
N ARG F 19 -11.23 13.40 43.72
CA ARG F 19 -11.63 13.40 45.12
C ARG F 19 -11.28 14.71 45.81
N GLU F 20 -10.11 15.28 45.48
CA GLU F 20 -9.71 16.56 46.06
C GLU F 20 -10.65 17.68 45.61
N ALA F 21 -11.20 17.57 44.41
CA ALA F 21 -12.10 18.59 43.88
C ALA F 21 -13.51 18.41 44.39
N GLY F 22 -13.78 17.24 44.98
CA GLY F 22 -15.11 16.96 45.49
C GLY F 22 -16.06 16.63 44.37
N LEU F 23 -15.54 16.01 43.32
CA LEU F 23 -16.38 15.64 42.19
C LEU F 23 -16.70 14.15 42.18
N ASN F 24 -17.98 13.84 42.03
CA ASN F 24 -18.45 12.46 41.99
C ASN F 24 -18.24 11.89 40.60
N PHE F 25 -17.81 10.63 40.54
CA PHE F 25 -17.52 9.98 39.28
C PHE F 25 -17.66 8.48 39.42
N GLU F 26 -17.65 7.81 38.28
CA GLU F 26 -17.75 6.37 38.24
C GLU F 26 -16.42 5.81 37.73
N LEU F 27 -15.86 4.87 38.50
CA LEU F 27 -14.60 4.25 38.14
C LEU F 27 -14.91 3.14 37.17
N VAL F 28 -14.08 3.01 36.13
CA VAL F 28 -14.25 1.97 35.11
C VAL F 28 -12.89 1.36 34.87
N GLN F 29 -12.72 0.12 35.31
CA GLN F 29 -11.45 -0.56 35.12
C GLN F 29 -11.23 -1.00 33.68
N VAL F 30 -10.01 -0.83 33.21
CA VAL F 30 -9.64 -1.20 31.85
C VAL F 30 -8.64 -2.33 31.94
N ASP F 31 -8.79 -3.34 31.09
CA ASP F 31 -7.85 -4.46 31.08
C ASP F 31 -6.72 -4.03 30.14
N LEU F 32 -5.59 -3.63 30.71
CA LEU F 32 -4.46 -3.15 29.94
C LEU F 32 -3.83 -4.26 29.13
N ALA F 33 -4.28 -5.49 29.40
CA ALA F 33 -3.79 -6.68 28.72
C ALA F 33 -4.59 -6.89 27.43
N SER F 34 -5.90 -7.08 27.56
CA SER F 34 -6.76 -7.27 26.41
C SER F 34 -7.22 -5.95 25.81
N LYS F 35 -7.05 -4.88 26.58
CA LYS F 35 -7.46 -3.54 26.17
C LYS F 35 -8.98 -3.55 25.99
N LYS F 36 -9.64 -4.07 27.01
CA LYS F 36 -11.09 -4.18 27.05
C LYS F 36 -11.54 -3.55 28.36
N THR F 37 -12.61 -2.76 28.29
CA THR F 37 -13.15 -2.14 29.48
C THR F 37 -13.85 -3.25 30.27
N ALA F 38 -14.25 -2.93 31.49
CA ALA F 38 -14.93 -3.90 32.33
C ALA F 38 -16.20 -4.44 31.66
N SER F 39 -16.87 -3.58 30.89
CA SER F 39 -18.12 -3.94 30.20
C SER F 39 -17.87 -4.81 28.97
N GLY F 40 -16.61 -5.11 28.71
CA GLY F 40 -16.28 -5.95 27.57
C GLY F 40 -15.90 -5.21 26.30
N GLN F 41 -16.08 -3.89 26.29
CA GLN F 41 -15.77 -3.09 25.10
C GLN F 41 -14.28 -2.90 24.82
N ASP F 42 -13.94 -2.75 23.54
CA ASP F 42 -12.55 -2.55 23.15
C ASP F 42 -12.16 -1.10 23.50
N TYR F 43 -11.36 -0.97 24.55
CA TYR F 43 -10.92 0.35 25.03
C TYR F 43 -10.18 1.17 23.97
N LEU F 44 -9.71 0.52 22.90
CA LEU F 44 -9.02 1.26 21.86
C LEU F 44 -10.04 2.11 21.09
N GLU F 45 -11.31 1.91 21.39
CA GLU F 45 -12.37 2.68 20.75
C GLU F 45 -12.48 3.99 21.52
N VAL F 46 -12.20 3.91 22.81
CA VAL F 46 -12.21 5.08 23.69
C VAL F 46 -10.88 5.77 23.47
N ASN F 47 -9.78 5.06 23.68
CA ASN F 47 -8.45 5.64 23.47
C ASN F 47 -7.66 4.80 22.48
N PRO F 48 -7.50 5.33 21.25
CA PRO F 48 -6.76 4.64 20.19
C PRO F 48 -5.39 4.17 20.66
N ALA F 49 -4.80 4.91 21.58
CA ALA F 49 -3.49 4.59 22.12
C ALA F 49 -3.51 3.45 23.15
N GLY F 50 -4.71 3.10 23.61
CA GLY F 50 -4.86 2.01 24.55
C GLY F 50 -4.39 2.16 25.99
N TYR F 51 -4.11 3.36 26.46
CA TYR F 51 -3.67 3.49 27.84
C TYR F 51 -4.57 4.34 28.72
N VAL F 52 -4.43 4.15 30.02
CA VAL F 52 -5.19 4.91 30.98
C VAL F 52 -4.25 5.98 31.52
N PRO F 53 -4.79 7.05 32.12
CA PRO F 53 -6.21 7.33 32.32
C PRO F 53 -6.95 7.93 31.14
N CYS F 54 -8.27 8.00 31.30
CA CYS F 54 -9.16 8.60 30.32
C CYS F 54 -10.39 9.11 31.07
N LEU F 55 -10.74 10.37 30.86
CA LEU F 55 -11.91 10.94 31.52
C LEU F 55 -13.03 11.08 30.49
N GLN F 56 -14.25 10.79 30.90
CA GLN F 56 -15.39 10.89 30.02
C GLN F 56 -16.45 11.75 30.69
N LEU F 57 -16.59 12.98 30.21
CA LEU F 57 -17.56 13.89 30.77
C LEU F 57 -18.93 13.28 30.70
N ASP F 58 -19.85 13.83 31.49
CA ASP F 58 -21.22 13.36 31.51
C ASP F 58 -21.73 13.45 30.06
N ASP F 59 -21.16 14.39 29.31
CA ASP F 59 -21.50 14.63 27.91
C ASP F 59 -21.33 13.36 27.10
N GLY F 60 -20.23 12.68 27.37
CA GLY F 60 -19.90 11.47 26.64
C GLY F 60 -18.60 11.77 25.92
N ARG F 61 -18.09 12.97 26.12
CA ARG F 61 -16.84 13.42 25.51
C ARG F 61 -15.72 12.83 26.34
N THR F 62 -14.54 12.65 25.72
CA THR F 62 -13.38 12.08 26.42
C THR F 62 -12.12 12.93 26.34
N LEU F 63 -11.27 12.78 27.35
CA LEU F 63 -10.04 13.54 27.45
C LEU F 63 -8.96 12.56 27.92
N THR F 64 -7.80 12.60 27.25
CA THR F 64 -6.69 11.73 27.63
C THR F 64 -5.45 12.56 28.01
N GLU F 65 -4.43 11.86 28.53
CA GLU F 65 -3.18 12.48 29.01
C GLU F 65 -3.45 13.03 30.40
N GLY F 66 -2.71 12.54 31.40
CA GLY F 66 -2.91 12.98 32.77
C GLY F 66 -2.97 14.48 32.99
N PRO F 67 -1.92 15.22 32.59
CA PRO F 67 -1.80 16.67 32.72
C PRO F 67 -2.96 17.50 32.14
N ALA F 68 -3.67 16.96 31.14
CA ALA F 68 -4.81 17.64 30.52
C ALA F 68 -6.05 17.33 31.36
N ILE F 69 -6.15 16.07 31.78
CA ILE F 69 -7.28 15.64 32.58
C ILE F 69 -7.33 16.33 33.95
N VAL F 70 -6.17 16.42 34.63
CA VAL F 70 -6.13 17.04 35.96
C VAL F 70 -6.30 18.56 35.95
N GLN F 71 -6.05 19.21 34.82
CA GLN F 71 -6.25 20.65 34.75
C GLN F 71 -7.75 20.89 34.56
N TYR F 72 -8.38 20.04 33.75
CA TYR F 72 -9.80 20.15 33.52
C TYR F 72 -10.51 19.98 34.87
N VAL F 73 -10.12 18.96 35.62
CA VAL F 73 -10.70 18.69 36.93
C VAL F 73 -10.49 19.86 37.89
N ALA F 74 -9.26 20.35 37.98
CA ALA F 74 -8.95 21.47 38.86
C ALA F 74 -9.74 22.74 38.52
N ASP F 75 -9.93 23.00 37.24
CA ASP F 75 -10.65 24.19 36.80
C ASP F 75 -12.16 24.12 37.07
N GLN F 76 -12.67 22.91 37.32
CA GLN F 76 -14.10 22.72 37.59
C GLN F 76 -14.45 23.20 38.98
N VAL F 77 -13.46 23.21 39.87
CA VAL F 77 -13.66 23.64 41.24
C VAL F 77 -12.58 24.62 41.68
N PRO F 78 -12.65 25.87 41.18
CA PRO F 78 -11.70 26.94 41.49
C PRO F 78 -11.56 27.21 42.99
N GLY F 79 -12.63 26.98 43.75
CA GLY F 79 -12.57 27.22 45.18
C GLY F 79 -11.54 26.34 45.89
N LYS F 80 -11.22 25.21 45.26
CA LYS F 80 -10.27 24.27 45.82
C LYS F 80 -8.80 24.60 45.55
N GLN F 81 -8.55 25.54 44.63
CA GLN F 81 -7.18 25.93 44.30
C GLN F 81 -6.26 24.75 44.04
N LEU F 82 -6.69 23.85 43.14
CA LEU F 82 -5.91 22.66 42.79
C LEU F 82 -5.01 22.98 41.61
N ALA F 83 -5.08 24.23 41.18
CA ALA F 83 -4.29 24.74 40.06
C ALA F 83 -4.39 26.25 40.04
N PRO F 84 -3.26 26.95 39.82
CA PRO F 84 -3.29 28.41 39.77
C PRO F 84 -4.28 28.82 38.68
N ALA F 85 -4.91 29.97 38.85
CA ALA F 85 -5.89 30.48 37.89
C ALA F 85 -5.34 30.61 36.47
N ASN F 86 -6.13 30.18 35.49
CA ASN F 86 -5.73 30.30 34.09
C ASN F 86 -5.36 31.73 33.74
N GLY F 87 -4.27 31.91 33.00
CA GLY F 87 -3.85 33.24 32.62
C GLY F 87 -2.77 33.78 33.54
N SER F 88 -2.66 33.22 34.73
CA SER F 88 -1.65 33.64 35.70
C SER F 88 -0.39 32.89 35.37
N PHE F 89 0.75 33.51 35.62
CA PHE F 89 2.05 32.89 35.36
C PHE F 89 2.20 31.53 36.05
N GLU F 90 1.80 31.44 37.31
CA GLU F 90 1.92 30.20 38.06
C GLU F 90 1.21 29.01 37.44
N ARG F 91 0.23 29.28 36.59
CA ARG F 91 -0.49 28.20 35.94
C ARG F 91 0.41 27.58 34.88
N TYR F 92 1.18 28.40 34.18
CA TYR F 92 2.10 27.85 33.18
C TYR F 92 3.21 27.13 33.93
N HIS F 93 3.52 27.63 35.12
CA HIS F 93 4.55 27.01 35.95
C HIS F 93 3.99 25.63 36.35
N LEU F 94 2.71 25.58 36.66
CA LEU F 94 2.05 24.33 37.02
C LEU F 94 2.15 23.36 35.84
N GLN F 95 1.87 23.86 34.63
CA GLN F 95 1.94 23.04 33.42
C GLN F 95 3.38 22.57 33.18
N GLN F 96 4.33 23.42 33.54
CA GLN F 96 5.74 23.10 33.42
C GLN F 96 6.02 21.85 34.27
N TRP F 97 5.48 21.84 35.48
CA TRP F 97 5.67 20.70 36.38
C TRP F 97 4.93 19.45 35.93
N LEU F 98 3.76 19.62 35.34
CA LEU F 98 2.99 18.47 34.88
C LEU F 98 3.70 17.78 33.73
N ASN F 99 4.30 18.56 32.84
CA ASN F 99 5.02 17.99 31.69
C ASN F 99 6.36 17.42 32.14
N PHE F 100 6.89 17.95 33.24
CA PHE F 100 8.15 17.47 33.78
C PHE F 100 7.95 16.07 34.39
N ILE F 101 6.92 15.95 35.22
CA ILE F 101 6.61 14.68 35.86
C ILE F 101 6.29 13.67 34.76
N SER F 102 5.55 14.14 33.76
CA SER F 102 5.12 13.30 32.64
C SER F 102 6.26 12.80 31.76
N SER F 103 7.02 13.72 31.20
CA SER F 103 8.10 13.35 30.31
C SER F 103 9.42 13.01 30.97
N GLU F 104 9.65 13.51 32.18
CA GLU F 104 10.93 13.25 32.87
C GLU F 104 10.93 12.20 34.01
N LEU F 105 9.77 11.90 34.59
CA LEU F 105 9.72 10.89 35.66
C LEU F 105 8.88 9.69 35.24
N HIS F 106 7.64 9.97 34.85
CA HIS F 106 6.70 8.93 34.43
C HIS F 106 7.29 8.04 33.35
N LYS F 107 7.55 8.61 32.19
CA LYS F 107 8.10 7.86 31.07
C LYS F 107 9.38 7.09 31.38
N SER F 108 10.06 7.46 32.47
CA SER F 108 11.29 6.78 32.85
C SER F 108 10.99 5.54 33.69
N PHE F 109 9.93 5.58 34.49
CA PHE F 109 9.55 4.43 35.30
C PHE F 109 9.02 3.32 34.37
N SER F 110 8.45 3.75 33.25
CA SER F 110 7.86 2.84 32.26
C SER F 110 8.70 1.63 31.90
N PRO F 111 9.97 1.82 31.54
CA PRO F 111 10.86 0.71 31.18
C PRO F 111 11.12 -0.26 32.33
N LEU F 112 11.14 0.26 33.55
CA LEU F 112 11.38 -0.56 34.74
C LEU F 112 10.17 -1.43 35.12
N PHE F 113 9.02 -1.17 34.51
CA PHE F 113 7.82 -1.97 34.77
C PHE F 113 7.60 -2.93 33.59
N ASN F 114 8.60 -3.00 32.72
CA ASN F 114 8.53 -3.85 31.53
C ASN F 114 9.57 -4.96 31.56
N PRO F 115 9.19 -6.17 31.13
CA PRO F 115 10.08 -7.35 31.08
C PRO F 115 11.02 -7.36 29.87
N ALA F 116 10.45 -7.09 28.70
CA ALA F 116 11.20 -7.07 27.43
C ALA F 116 12.04 -5.82 27.25
N SER F 117 12.65 -5.34 28.33
CA SER F 117 13.51 -4.16 28.28
C SER F 117 14.92 -4.56 28.70
N SER F 118 15.87 -4.39 27.79
CA SER F 118 17.27 -4.74 28.06
C SER F 118 17.71 -4.09 29.37
N ASP F 119 18.60 -4.75 30.09
CA ASP F 119 19.11 -4.20 31.35
C ASP F 119 19.84 -2.90 31.08
N GLU F 120 20.34 -2.75 29.85
CA GLU F 120 21.03 -1.52 29.46
C GLU F 120 20.03 -0.38 29.59
N TRP F 121 18.85 -0.61 29.04
CA TRP F 121 17.75 0.34 29.06
C TRP F 121 17.40 0.74 30.49
N LYS F 122 16.93 -0.24 31.25
CA LYS F 122 16.53 -0.07 32.64
C LYS F 122 17.49 0.77 33.48
N ASN F 123 18.78 0.53 33.32
CA ASN F 123 19.79 1.26 34.09
C ASN F 123 20.08 2.65 33.54
N ALA F 124 19.92 2.82 32.24
CA ALA F 124 20.12 4.11 31.63
C ALA F 124 19.03 4.98 32.25
N VAL F 125 17.85 4.40 32.32
CA VAL F 125 16.67 5.05 32.88
C VAL F 125 16.79 5.28 34.38
N ARG F 126 17.33 4.29 35.08
CA ARG F 126 17.51 4.42 36.52
C ARG F 126 18.44 5.56 36.85
N GLN F 127 19.45 5.76 36.01
CA GLN F 127 20.40 6.84 36.25
C GLN F 127 19.75 8.18 36.00
N SER F 128 18.82 8.23 35.05
CA SER F 128 18.11 9.48 34.73
C SER F 128 17.23 9.87 35.90
N LEU F 129 16.51 8.88 36.42
CA LEU F 129 15.63 9.10 37.56
C LEU F 129 16.46 9.61 38.75
N ASN F 130 17.68 9.10 38.90
CA ASN F 130 18.54 9.57 39.99
C ASN F 130 18.73 11.07 39.87
N THR F 131 19.15 11.50 38.68
CA THR F 131 19.38 12.90 38.40
C THR F 131 18.11 13.73 38.60
N ARG F 132 17.04 13.35 37.91
CA ARG F 132 15.76 14.05 37.99
C ARG F 132 15.09 14.04 39.36
N LEU F 133 15.10 12.91 40.05
CA LEU F 133 14.47 12.85 41.37
C LEU F 133 15.24 13.72 42.36
N GLY F 134 16.52 13.94 42.08
CA GLY F 134 17.32 14.78 42.96
C GLY F 134 16.87 16.22 42.78
N GLN F 135 16.55 16.57 41.54
CA GLN F 135 16.08 17.91 41.22
C GLN F 135 14.73 18.16 41.92
N VAL F 136 13.79 17.24 41.77
CA VAL F 136 12.48 17.36 42.40
C VAL F 136 12.66 17.47 43.89
N ALA F 137 13.58 16.66 44.43
CA ALA F 137 13.86 16.65 45.86
C ALA F 137 14.33 18.02 46.33
N ARG F 138 15.33 18.58 45.66
CA ARG F 138 15.85 19.90 46.02
C ARG F 138 14.75 20.96 45.92
N GLN F 139 13.82 20.77 44.98
CA GLN F 139 12.71 21.70 44.78
C GLN F 139 11.79 21.67 46.00
N LEU F 140 11.58 20.47 46.54
CA LEU F 140 10.72 20.26 47.69
C LEU F 140 11.49 20.30 49.00
N GLU F 141 12.62 20.99 49.01
CA GLU F 141 13.45 21.05 50.21
C GLU F 141 13.10 22.15 51.20
N HIS F 142 12.63 23.29 50.71
CA HIS F 142 12.27 24.38 51.61
C HIS F 142 10.84 24.85 51.36
N ALA F 143 10.15 24.11 50.51
CA ALA F 143 8.74 24.37 50.19
C ALA F 143 8.06 23.00 50.25
N PRO F 144 6.83 22.93 50.81
CA PRO F 144 6.13 21.64 50.90
C PRO F 144 5.59 21.12 49.56
N TYR F 145 5.30 22.03 48.64
CA TYR F 145 4.78 21.65 47.34
C TYR F 145 5.55 22.25 46.17
N LEU F 146 5.49 21.58 45.03
CA LEU F 146 6.16 22.02 43.81
C LEU F 146 6.00 23.51 43.53
N LEU F 147 4.81 24.05 43.77
CA LEU F 147 4.53 25.47 43.52
C LEU F 147 4.56 26.37 44.76
N GLY F 148 5.02 25.83 45.90
CA GLY F 148 5.07 26.64 47.09
C GLY F 148 4.33 26.08 48.28
N ASP F 149 3.35 26.83 48.78
CA ASP F 149 2.57 26.41 49.94
C ASP F 149 1.32 25.65 49.59
N GLN F 150 0.69 26.02 48.49
CA GLN F 150 -0.54 25.39 48.05
C GLN F 150 -0.33 24.12 47.19
N LEU F 151 -1.00 23.05 47.59
CA LEU F 151 -0.92 21.79 46.86
C LEU F 151 -1.68 21.96 45.57
N SER F 152 -1.11 21.47 44.48
CA SER F 152 -1.74 21.56 43.16
C SER F 152 -1.82 20.16 42.57
N VAL F 153 -2.43 20.06 41.40
CA VAL F 153 -2.57 18.78 40.71
C VAL F 153 -1.21 18.21 40.35
N ALA F 154 -0.19 19.06 40.32
CA ALA F 154 1.17 18.62 39.99
C ALA F 154 1.70 17.75 41.14
N ASP F 155 1.46 18.17 42.37
CA ASP F 155 1.91 17.40 43.53
C ASP F 155 1.22 16.06 43.57
N ILE F 156 -0.03 16.02 43.14
CA ILE F 156 -0.80 14.79 43.12
C ILE F 156 -0.19 13.82 42.11
N TYR F 157 0.08 14.30 40.90
CA TYR F 157 0.69 13.46 39.89
C TYR F 157 2.04 12.94 40.45
N LEU F 158 2.84 13.84 41.02
CA LEU F 158 4.14 13.50 41.61
C LEU F 158 4.04 12.40 42.65
N PHE F 159 3.09 12.55 43.57
CA PHE F 159 2.86 11.57 44.64
C PHE F 159 2.67 10.16 44.07
N VAL F 160 1.86 10.05 43.02
CA VAL F 160 1.57 8.77 42.38
C VAL F 160 2.82 8.14 41.77
N VAL F 161 3.59 8.95 41.03
CA VAL F 161 4.80 8.46 40.40
C VAL F 161 5.81 7.99 41.45
N LEU F 162 5.93 8.76 42.53
CA LEU F 162 6.82 8.44 43.62
C LEU F 162 6.49 7.11 44.26
N GLY F 163 5.20 6.82 44.41
CA GLY F 163 4.77 5.57 45.00
C GLY F 163 5.19 4.34 44.21
N TRP F 164 5.59 4.53 42.95
CA TRP F 164 6.02 3.41 42.12
C TRP F 164 7.44 2.98 42.45
N SER F 165 8.21 3.89 43.04
CA SER F 165 9.60 3.63 43.38
C SER F 165 9.86 2.34 44.16
N ALA F 166 8.99 2.00 45.09
CA ALA F 166 9.18 0.78 45.88
C ALA F 166 9.06 -0.48 45.04
N TYR F 167 8.21 -0.42 44.01
CA TYR F 167 7.99 -1.57 43.15
C TYR F 167 9.11 -1.82 42.15
N VAL F 168 9.83 -0.76 41.78
CA VAL F 168 10.92 -0.90 40.83
C VAL F 168 12.26 -0.71 41.54
N ASN F 169 12.26 -0.99 42.84
CA ASN F 169 13.46 -0.88 43.67
C ASN F 169 14.21 0.43 43.54
N ILE F 170 13.47 1.54 43.60
CA ILE F 170 14.10 2.84 43.54
C ILE F 170 14.02 3.37 44.95
N ASP F 171 15.19 3.53 45.56
CA ASP F 171 15.29 3.97 46.93
C ASP F 171 15.33 5.49 47.01
N LEU F 172 14.41 6.03 47.80
CA LEU F 172 14.30 7.47 48.00
C LEU F 172 14.99 7.91 49.26
N SER F 173 15.66 6.98 49.94
CA SER F 173 16.36 7.35 51.16
C SER F 173 17.35 8.48 50.85
N PRO F 174 17.95 8.48 49.65
CA PRO F 174 18.89 9.57 49.34
C PRO F 174 18.14 10.89 49.19
N TRP F 175 16.81 10.81 49.17
CA TRP F 175 15.99 12.00 49.00
C TRP F 175 14.91 12.11 50.05
N PRO F 176 15.31 12.39 51.30
CA PRO F 176 14.39 12.53 52.44
C PRO F 176 13.24 13.51 52.24
N SER F 177 13.43 14.53 51.39
CA SER F 177 12.36 15.52 51.13
C SER F 177 11.23 14.88 50.33
N LEU F 178 11.58 13.91 49.49
CA LEU F 178 10.60 13.18 48.71
C LEU F 178 9.81 12.33 49.68
N GLN F 179 10.51 11.77 50.67
CA GLN F 179 9.88 10.95 51.70
C GLN F 179 8.94 11.83 52.51
N ALA F 180 9.42 13.02 52.87
CA ALA F 180 8.60 13.94 53.63
C ALA F 180 7.38 14.32 52.78
N PHE F 181 7.62 14.62 51.51
CA PHE F 181 6.55 14.97 50.57
C PHE F 181 5.48 13.88 50.50
N GLN F 182 5.91 12.64 50.38
CA GLN F 182 5.01 11.50 50.31
C GLN F 182 4.11 11.39 51.54
N GLY F 183 4.68 11.57 52.72
CA GLY F 183 3.87 11.50 53.91
C GLY F 183 2.88 12.65 53.95
N ARG F 184 3.33 13.82 53.51
CA ARG F 184 2.53 15.04 53.47
C ARG F 184 1.27 14.92 52.59
N VAL F 185 1.46 14.41 51.38
CA VAL F 185 0.35 14.24 50.45
C VAL F 185 -0.42 12.97 50.79
N GLY F 186 0.30 11.90 51.13
CA GLY F 186 -0.34 10.64 51.47
C GLY F 186 -1.29 10.68 52.66
N GLY F 187 -1.11 11.66 53.54
CA GLY F 187 -1.97 11.76 54.71
C GLY F 187 -3.29 12.46 54.48
N ARG F 188 -3.56 12.87 53.25
CA ARG F 188 -4.81 13.55 52.90
C ARG F 188 -5.86 12.46 52.75
N GLU F 189 -7.08 12.73 53.22
CA GLU F 189 -8.13 11.73 53.14
C GLU F 189 -8.59 11.46 51.72
N ALA F 190 -8.41 12.44 50.84
CA ALA F 190 -8.79 12.25 49.45
C ALA F 190 -7.77 11.28 48.87
N VAL F 191 -6.55 11.34 49.38
CA VAL F 191 -5.48 10.47 48.90
C VAL F 191 -5.68 9.05 49.42
N GLN F 192 -6.03 8.93 50.70
CA GLN F 192 -6.23 7.61 51.26
C GLN F 192 -7.54 7.00 50.75
N SER F 193 -8.50 7.84 50.38
CA SER F 193 -9.78 7.35 49.87
C SER F 193 -9.58 6.68 48.51
N ALA F 194 -8.76 7.29 47.67
CA ALA F 194 -8.48 6.77 46.34
C ALA F 194 -7.77 5.44 46.48
N LEU F 195 -6.76 5.41 47.33
CA LEU F 195 -5.96 4.21 47.57
C LEU F 195 -6.83 3.01 47.94
N ARG F 196 -7.68 3.21 48.94
CA ARG F 196 -8.56 2.15 49.41
C ARG F 196 -9.63 1.82 48.35
N ALA F 197 -10.03 2.85 47.61
CA ALA F 197 -11.03 2.73 46.56
C ALA F 197 -10.54 1.86 45.40
N GLU F 198 -9.24 1.88 45.14
CA GLU F 198 -8.68 1.07 44.07
C GLU F 198 -8.18 -0.27 44.60
N GLY F 199 -8.52 -0.55 45.86
CA GLY F 199 -8.11 -1.80 46.48
C GLY F 199 -6.65 -1.83 46.87
N LEU F 200 -5.98 -0.69 46.72
CA LEU F 200 -4.57 -0.56 47.08
C LEU F 200 -4.47 -0.59 48.60
N ILE F 201 -5.53 -0.14 49.25
CA ILE F 201 -5.64 -0.06 50.70
C ILE F 201 -4.37 0.42 51.39
N1 GSH G . -6.06 -29.86 -5.28
CA1 GSH G . -5.28 -28.86 -6.03
C1 GSH G . -6.23 -27.97 -6.80
O11 GSH G . -7.39 -28.46 -7.26
O12 GSH G . -5.93 -26.81 -7.01
CB1 GSH G . -4.32 -29.57 -6.99
CG1 GSH G . -3.29 -28.59 -7.56
CD1 GSH G . -2.26 -29.27 -8.45
OE1 GSH G . -2.28 -30.48 -8.63
N2 GSH G . -1.29 -28.52 -9.03
CA2 GSH G . -0.24 -29.09 -9.89
C2 GSH G . 1.08 -28.86 -9.19
O2 GSH G . 1.56 -27.73 -9.16
CB2 GSH G . -0.26 -28.39 -11.25
SG2 GSH G . -1.62 -29.07 -12.24
N3 GSH G . 1.69 -29.89 -8.54
CA3 GSH G . 2.94 -29.68 -7.80
C3 GSH G . 4.10 -30.21 -8.60
O31 GSH G . 5.22 -30.10 -8.16
O32 GSH G . 3.88 -30.81 -9.79
N1 GSH H . -16.17 -37.16 -5.83
CA1 GSH H . -17.13 -37.76 -4.87
C1 GSH H . -17.51 -36.73 -3.84
O11 GSH H . -18.56 -36.82 -3.24
O12 GSH H . -16.69 -35.71 -3.59
CB1 GSH H . -16.47 -38.98 -4.18
CG1 GSH H . -17.55 -39.95 -3.67
CD1 GSH H . -17.01 -41.35 -3.44
OE1 GSH H . -15.89 -41.67 -3.83
N2 GSH H . -17.81 -42.25 -2.82
CA2 GSH H . -17.39 -43.65 -2.59
C2 GSH H . -18.23 -44.52 -3.47
O2 GSH H . -19.44 -44.53 -3.33
CB2 GSH H . -17.63 -44.08 -1.13
SG2 GSH H . -16.90 -42.89 0.02
N3 GSH H . -17.62 -45.27 -4.42
CA3 GSH H . -18.39 -46.14 -5.33
C3 GSH H . -18.43 -47.55 -4.78
O31 GSH H . -17.84 -47.85 -3.60
O32 GSH H . -19.01 -48.42 -5.38
N1 GSH I . -17.07 -46.92 7.60
CA1 GSH I . -15.63 -46.86 7.59
C1 GSH I . -15.08 -46.93 8.98
O11 GSH I . -14.58 -48.08 9.40
O12 GSH I . -15.07 -45.94 9.70
CB1 GSH I . -15.23 -45.61 6.95
CG1 GSH I . -15.94 -45.48 5.61
CD1 GSH I . -15.13 -45.90 4.44
OE1 GSH I . -14.65 -46.98 4.45
N2 GSH I . -15.04 -45.08 3.34
CA2 GSH I . -14.36 -45.55 2.13
C2 GSH I . -13.56 -44.46 1.50
O2 GSH I . -12.60 -44.00 2.10
CB2 GSH I . -15.34 -46.11 1.10
SG2 GSH I . -16.93 -46.52 1.85
N3 GSH I . -13.76 -44.09 0.28
CA3 GSH I . -12.82 -43.19 -0.31
C3 GSH I . -12.98 -43.33 -1.75
O31 GSH I . -13.69 -44.34 -2.25
O32 GSH I . -12.49 -42.54 -2.45
N1 GSH J . 12.02 20.98 -22.78
CA1 GSH J . 12.20 22.09 -23.74
C1 GSH J . 11.46 21.77 -25.03
O11 GSH J . 11.29 20.50 -25.41
O12 GSH J . 11.03 22.67 -25.70
CB1 GSH J . 13.70 22.30 -24.02
CG1 GSH J . 13.96 23.51 -24.93
CD1 GSH J . 15.44 23.76 -25.12
OE1 GSH J . 16.26 22.93 -24.76
N2 GSH J . 15.83 24.95 -25.68
CA2 GSH J . 17.24 25.30 -25.90
C2 GSH J . 17.50 26.58 -25.14
O2 GSH J . 16.97 27.61 -25.50
CB2 GSH J . 17.52 25.49 -27.38
SG2 GSH J . 17.60 23.87 -28.18
N3 GSH J . 18.27 26.55 -24.02
CA3 GSH J . 18.47 27.76 -23.20
C3 GSH J . 19.84 28.34 -23.44
O31 GSH J . 20.24 29.24 -22.75
O32 GSH J . 20.62 27.86 -24.43
N1 GSH K . 11.61 8.36 -22.50
CA1 GSH K . 11.05 7.27 -21.70
C1 GSH K . 9.67 7.66 -21.21
O11 GSH K . 8.82 6.82 -21.01
O12 GSH K . 9.37 8.94 -20.97
CB1 GSH K . 11.98 6.99 -20.53
CG1 GSH K . 11.62 5.67 -19.80
CD1 GSH K . 12.71 5.27 -18.82
OE1 GSH K . 13.74 5.93 -18.73
N2 GSH K . 12.54 4.17 -18.05
CA2 GSH K . 13.55 3.68 -17.11
C2 GSH K . 14.11 2.38 -17.64
O2 GSH K . 13.34 1.52 -18.05
CB2 GSH K . 12.90 3.44 -15.74
SG2 GSH K . 12.36 5.01 -15.02
N3 GSH K . 15.46 2.20 -17.74
CA3 GSH K . 16.03 0.99 -18.35
C3 GSH K . 16.84 0.20 -17.35
O31 GSH K . 16.55 0.31 -16.03
O32 GSH K . 17.73 -0.53 -17.71
N1 GSH L . 16.58 0.87 -6.97
CA1 GSH L . 15.30 0.52 -6.33
C1 GSH L . 15.28 -0.99 -6.12
O11 GSH L . 16.01 -1.53 -5.14
O12 GSH L . 14.59 -1.71 -6.82
CB1 GSH L . 14.12 0.96 -7.23
CG1 GSH L . 14.17 2.49 -7.51
CD1 GSH L . 14.79 2.71 -8.86
OE1 GSH L . 16.00 2.55 -8.98
N2 GSH L . 14.03 3.03 -9.94
CA2 GSH L . 14.64 3.16 -11.29
C2 GSH L . 14.34 4.50 -11.91
O2 GSH L . 13.24 4.98 -11.79
CB2 GSH L . 14.13 2.04 -12.19
SG2 GSH L . 15.32 1.76 -13.52
N3 GSH L . 15.33 5.13 -12.61
CA3 GSH L . 15.12 6.44 -13.25
C3 GSH L . 15.69 6.42 -14.66
O31 GSH L . 16.73 5.87 -14.87
O32 GSH L . 15.03 7.01 -15.65
N1 GSH M . 10.79 17.61 28.72
CA1 GSH M . 11.56 18.64 28.00
C1 GSH M . 10.61 19.59 27.28
O11 GSH M . 9.38 19.21 26.95
O12 GSH M . 10.97 20.72 26.99
CB1 GSH M . 12.51 17.95 27.01
CG1 GSH M . 13.56 18.95 26.51
CD1 GSH M . 14.64 18.29 25.67
OE1 GSH M . 14.66 17.08 25.50
N2 GSH M . 15.59 19.08 25.14
CA2 GSH M . 16.72 18.56 24.37
C2 GSH M . 17.97 18.93 25.15
O2 GSH M . 18.24 20.11 25.32
CB2 GSH M . 16.72 19.19 22.96
SG2 GSH M . 15.44 18.42 21.91
N3 GSH M . 18.72 17.96 25.74
CA3 GSH M . 19.86 18.31 26.62
C3 GSH M . 21.18 17.78 26.06
O31 GSH M . 22.18 17.83 26.75
O32 GSH M . 21.24 17.26 24.81
N1 GSH N . 1.00 9.90 27.93
CA1 GSH N . 0.02 9.14 28.72
C1 GSH N . -0.48 10.01 29.86
O11 GSH N . -1.63 9.92 30.23
O12 GSH N . 0.36 10.84 30.47
CB1 GSH N . 0.67 7.87 29.28
CG1 GSH N . -0.34 7.06 30.10
CD1 GSH N . 0.25 5.75 30.55
OE1 GSH N . 1.44 5.52 30.42
N2 GSH N . -0.58 4.82 31.10
CA2 GSH N . -0.16 3.48 31.55
C2 GSH N . -0.87 2.46 30.72
O2 GSH N . -2.09 2.35 30.82
CB2 GSH N . -0.52 3.29 33.05
SG2 GSH N . 0.64 4.16 34.16
N3 GSH N . -0.18 1.71 29.82
CA3 GSH N . -0.87 0.78 28.92
C3 GSH N . -0.43 -0.64 29.16
O31 GSH N . -0.43 -1.14 30.42
O32 GSH N . -0.08 -1.31 28.22
N1 GSH O . 3.00 -1.26 40.78
CA1 GSH O . 1.68 -0.67 40.72
C1 GSH O . 0.63 -1.68 41.35
O11 GSH O . 1.05 -2.94 41.57
O12 GSH O . -0.56 -1.36 41.34
CB1 GSH O . 1.22 -0.51 39.36
CG1 GSH O . 2.01 0.57 38.80
CD1 GSH O . 2.33 0.12 37.48
OE1 GSH O . 2.79 -1.01 37.23
N2 GSH O . 2.18 1.04 36.59
CA2 GSH O . 2.66 0.68 35.34
C2 GSH O . 3.54 1.83 35.05
O2 GSH O . 4.29 2.31 35.85
CB2 GSH O . 1.60 0.61 34.23
SG2 GSH O . 0.14 -0.21 34.74
N3 GSH O . 3.47 2.25 33.91
CA3 GSH O . 4.32 3.32 33.63
C3 GSH O . 3.74 3.94 32.37
O31 GSH O . 2.57 4.00 32.28
O32 GSH O . 4.55 4.43 31.43
#